data_2GA4
#
_entry.id   2GA4
#
_cell.length_a   144.550
_cell.length_b   144.550
_cell.length_c   59.420
_cell.angle_alpha   90.00
_cell.angle_beta   90.00
_cell.angle_gamma   120.00
#
_symmetry.space_group_name_H-M   'P 61'
#
loop_
_entity.id
_entity.type
_entity.pdbx_description
1 polymer 'Shiga-like toxin II subunit A'
2 polymer 'Shiga-like toxin II subunit B'
3 non-polymer 'SODIUM ION'
4 non-polymer ADENINE
5 non-polymer 'FORMIC ACID'
6 non-polymer 3-PYRIDINIUM-1-YLPROPANE-1-SULFONATE
7 non-polymer 1,2-ETHANEDIOL
8 water water
#
loop_
_entity_poly.entity_id
_entity_poly.type
_entity_poly.pdbx_seq_one_letter_code
_entity_poly.pdbx_strand_id
1 'polypeptide(L)'
;REFTIDFSTQQSYVSSLNSIRTEISTPLEHISQGTTSVSVINHTPPGSYFAVDIRGLDVYQARFDHLRLIIEQNNLYVAG
FVNTATNTFYRFSDFTHISVPGVTTVSMTTDSSYTTLQRVAALERSGMQISRHSLVSSYLALMEFSGNTMTRDASRAVLR
FVTVTAEALRFRQIQREFRQALSETAPVYTMTPGDVDLTLNWGRISNVLPEYRGEDGVRVGRISFNNISAILGTVAVILN
CHHQGARSVRAVNEESQPECQITGDRPVIKINNTLWESNTAAAFLNRKSQFLYTTGK
;
A
2 'polypeptide(L)' ADCAKGKIEFSKYNEDDTFTVKVDGKEYWTSRWNLQPLLQSAQLTGMTVTIKSSTCESGSGFAEVQFNND B,C,D,E,F
#
loop_
_chem_comp.id
_chem_comp.type
_chem_comp.name
_chem_comp.formula
1PS non-polymer 3-PYRIDINIUM-1-YLPROPANE-1-SULFONATE 'C8 H11 N O3 S'
ADE non-polymer ADENINE 'C5 H5 N5'
EDO non-polymer 1,2-ETHANEDIOL 'C2 H6 O2'
FMT non-polymer 'FORMIC ACID' 'C H2 O2'
NA non-polymer 'SODIUM ION' 'Na 1'
#
# COMPACT_ATOMS: atom_id res chain seq x y z
N ARG A 1 -14.76 -25.14 18.94
CA ARG A 1 -15.96 -24.30 18.74
C ARG A 1 -16.50 -24.48 17.32
N GLU A 2 -17.83 -24.55 17.19
CA GLU A 2 -18.41 -24.70 15.88
C GLU A 2 -19.54 -23.71 15.71
N PHE A 3 -19.66 -23.19 14.51
CA PHE A 3 -20.70 -22.26 14.20
C PHE A 3 -21.30 -22.70 12.88
N THR A 4 -22.52 -22.29 12.65
CA THR A 4 -23.15 -22.60 11.40
C THR A 4 -23.22 -21.32 10.60
N ILE A 5 -22.95 -21.37 9.30
CA ILE A 5 -23.25 -20.19 8.51
C ILE A 5 -24.37 -20.72 7.64
N ASP A 6 -25.55 -20.15 7.85
CA ASP A 6 -26.74 -20.59 7.16
C ASP A 6 -27.05 -19.64 6.01
N PHE A 7 -26.98 -20.19 4.81
CA PHE A 7 -27.19 -19.40 3.59
C PHE A 7 -28.65 -19.33 3.12
N SER A 8 -29.58 -19.78 3.96
CA SER A 8 -30.98 -19.79 3.57
C SER A 8 -31.51 -18.45 3.10
N THR A 9 -31.24 -17.41 3.87
CA THR A 9 -31.73 -16.08 3.56
C THR A 9 -30.70 -15.06 3.95
N GLN A 10 -30.92 -13.81 3.57
CA GLN A 10 -29.95 -12.80 3.95
C GLN A 10 -29.94 -12.68 5.45
N GLN A 11 -31.11 -12.78 6.06
CA GLN A 11 -31.21 -12.72 7.52
C GLN A 11 -30.42 -13.85 8.18
N SER A 12 -30.61 -15.08 7.73
CA SER A 12 -29.93 -16.16 8.41
C SER A 12 -28.42 -16.05 8.20
N TYR A 13 -28.04 -15.65 7.00
CA TYR A 13 -26.60 -15.51 6.65
C TYR A 13 -25.92 -14.42 7.52
N VAL A 14 -26.50 -13.21 7.50
CA VAL A 14 -25.96 -12.12 8.30
C VAL A 14 -26.01 -12.49 9.76
N SER A 15 -27.12 -13.07 10.21
CA SER A 15 -27.19 -13.47 11.61
C SER A 15 -26.04 -14.44 11.96
N SER A 16 -25.78 -15.38 11.06
CA SER A 16 -24.70 -16.36 11.25
C SER A 16 -23.37 -15.67 11.40
N LEU A 17 -23.11 -14.72 10.51
CA LEU A 17 -21.81 -14.06 10.56
C LEU A 17 -21.70 -13.23 11.81
N ASN A 18 -22.77 -12.52 12.13
CA ASN A 18 -22.71 -11.70 13.34
C ASN A 18 -22.47 -12.54 14.60
N SER A 19 -23.07 -13.72 14.67
CA SER A 19 -22.87 -14.57 15.85
C SER A 19 -21.44 -15.02 15.95
N ILE A 20 -20.84 -15.33 14.81
CA ILE A 20 -19.44 -15.72 14.82
C ILE A 20 -18.61 -14.54 15.32
N ARG A 21 -18.82 -13.38 14.74
CA ARG A 21 -18.02 -12.23 15.12
C ARG A 21 -18.12 -11.96 16.59
N THR A 22 -19.33 -12.03 17.11
CA THR A 22 -19.51 -11.78 18.52
C THR A 22 -18.71 -12.71 19.39
N GLU A 23 -18.64 -13.96 18.99
CA GLU A 23 -17.93 -14.91 19.82
C GLU A 23 -16.42 -14.81 19.69
N ILE A 24 -15.93 -14.47 18.51
CA ILE A 24 -14.46 -14.51 18.35
C ILE A 24 -13.70 -13.21 18.38
N SER A 25 -14.43 -12.11 18.58
CA SER A 25 -13.82 -10.81 18.52
C SER A 25 -14.45 -9.82 19.47
N THR A 26 -13.75 -8.72 19.67
CA THR A 26 -14.21 -7.69 20.57
C THR A 26 -14.23 -6.36 19.87
N PRO A 27 -15.35 -5.65 19.96
CA PRO A 27 -15.44 -4.36 19.30
C PRO A 27 -14.36 -3.36 19.69
N LEU A 28 -13.89 -2.61 18.71
CA LEU A 28 -12.96 -1.52 19.00
C LEU A 28 -13.76 -0.47 19.78
N GLU A 29 -13.12 0.11 20.78
CA GLU A 29 -13.77 1.14 21.57
C GLU A 29 -14.23 2.28 20.69
N HIS A 30 -13.42 2.66 19.71
CA HIS A 30 -13.73 3.82 18.88
C HIS A 30 -14.40 3.61 17.52
N ILE A 31 -14.79 2.38 17.23
CA ILE A 31 -15.46 2.16 15.97
C ILE A 31 -16.53 1.13 16.27
N SER A 32 -17.57 1.59 16.94
CA SER A 32 -18.62 0.69 17.32
C SER A 32 -19.89 1.50 17.46
N GLN A 33 -20.97 1.00 16.87
CA GLN A 33 -22.26 1.66 17.02
C GLN A 33 -23.24 0.53 17.31
N GLY A 34 -24.04 0.68 18.34
CA GLY A 34 -24.95 -0.42 18.66
C GLY A 34 -24.10 -1.66 18.79
N THR A 35 -24.52 -2.77 18.17
CA THR A 35 -23.71 -3.96 18.20
C THR A 35 -23.12 -4.21 16.82
N THR A 36 -22.84 -3.12 16.10
CA THR A 36 -22.24 -3.23 14.77
C THR A 36 -20.92 -2.53 14.87
N SER A 37 -19.83 -3.28 14.76
CA SER A 37 -18.54 -2.64 15.00
C SER A 37 -17.48 -3.20 14.09
N VAL A 38 -16.28 -2.64 14.26
CA VAL A 38 -15.08 -3.21 13.66
C VAL A 38 -14.58 -3.85 14.95
N SER A 39 -14.38 -5.16 14.93
CA SER A 39 -13.96 -5.90 16.12
C SER A 39 -12.61 -6.51 15.90
N VAL A 40 -11.88 -6.68 16.99
CA VAL A 40 -10.55 -7.25 16.93
C VAL A 40 -10.64 -8.68 17.37
N ILE A 41 -10.10 -9.59 16.56
CA ILE A 41 -10.16 -10.99 16.91
C ILE A 41 -9.48 -11.17 18.28
N ASN A 42 -10.18 -11.88 19.16
CA ASN A 42 -9.66 -12.12 20.51
C ASN A 42 -8.45 -13.01 20.38
N HIS A 43 -7.45 -12.75 21.20
CA HIS A 43 -6.28 -13.59 21.09
C HIS A 43 -6.56 -15.05 21.43
N THR A 44 -6.08 -15.97 20.59
CA THR A 44 -6.21 -17.40 20.91
C THR A 44 -4.87 -17.99 20.55
N PRO A 45 -4.56 -19.14 21.13
CA PRO A 45 -3.29 -19.79 20.84
C PRO A 45 -3.19 -20.10 19.38
N PRO A 46 -1.97 -20.07 18.85
CA PRO A 46 -1.85 -20.37 17.45
C PRO A 46 -2.25 -21.83 17.29
N GLY A 47 -2.95 -22.17 16.23
CA GLY A 47 -3.39 -23.55 16.05
C GLY A 47 -4.86 -23.67 16.37
N SER A 48 -5.36 -22.68 17.09
CA SER A 48 -6.78 -22.65 17.48
C SER A 48 -7.63 -22.48 16.24
N TYR A 49 -8.74 -23.21 16.15
CA TYR A 49 -9.59 -23.01 14.97
C TYR A 49 -11.02 -23.14 15.44
N PHE A 50 -11.96 -22.73 14.60
CA PHE A 50 -13.34 -22.98 14.90
C PHE A 50 -13.84 -23.57 13.60
N ALA A 51 -14.87 -24.38 13.70
CA ALA A 51 -15.46 -25.05 12.56
C ALA A 51 -16.69 -24.24 12.12
N VAL A 52 -16.97 -24.23 10.83
CA VAL A 52 -18.14 -23.57 10.29
C VAL A 52 -18.91 -24.63 9.51
N ASP A 53 -20.10 -24.91 9.97
CA ASP A 53 -20.96 -25.84 9.25
C ASP A 53 -21.74 -25.04 8.24
N ILE A 54 -21.62 -25.44 6.97
CA ILE A 54 -22.32 -24.76 5.89
C ILE A 54 -23.74 -25.32 5.82
N ARG A 55 -24.71 -24.43 5.87
CA ARG A 55 -26.10 -24.89 5.81
C ARG A 55 -26.91 -23.94 4.95
N GLY A 56 -28.11 -24.38 4.61
CA GLY A 56 -28.99 -23.53 3.85
C GLY A 56 -28.62 -23.23 2.43
N LEU A 57 -27.75 -24.02 1.80
CA LEU A 57 -27.45 -23.77 0.41
C LEU A 57 -28.76 -23.94 -0.38
N ASP A 58 -29.57 -24.90 0.05
CA ASP A 58 -30.90 -25.10 -0.52
C ASP A 58 -31.72 -24.48 0.65
N VAL A 59 -32.35 -23.34 0.38
CA VAL A 59 -33.03 -22.58 1.41
C VAL A 59 -33.81 -23.40 2.42
N TYR A 60 -33.43 -23.25 3.69
CA TYR A 60 -34.11 -23.93 4.80
C TYR A 60 -34.23 -25.45 4.76
N GLN A 61 -33.43 -26.09 3.90
CA GLN A 61 -33.52 -27.57 3.79
C GLN A 61 -32.30 -28.19 4.39
N ALA A 62 -32.48 -29.30 5.09
CA ALA A 62 -31.35 -30.02 5.65
C ALA A 62 -30.86 -30.95 4.52
N ARG A 63 -30.22 -30.33 3.54
CA ARG A 63 -29.68 -30.98 2.33
C ARG A 63 -28.33 -30.29 2.21
N PHE A 64 -27.44 -30.87 1.42
CA PHE A 64 -26.14 -30.29 1.18
C PHE A 64 -25.56 -29.85 2.51
N ASP A 65 -25.59 -30.72 3.48
CA ASP A 65 -25.14 -30.37 4.81
C ASP A 65 -23.94 -31.09 5.34
N HIS A 66 -23.07 -31.58 4.44
CA HIS A 66 -21.88 -32.31 4.86
C HIS A 66 -20.58 -31.53 4.73
N LEU A 67 -20.67 -30.24 4.49
CA LEU A 67 -19.48 -29.45 4.35
C LEU A 67 -19.25 -28.59 5.58
N ARG A 68 -18.04 -28.69 6.11
CA ARG A 68 -17.60 -27.91 7.24
C ARG A 68 -16.28 -27.24 6.84
N LEU A 69 -16.09 -25.98 7.22
CA LEU A 69 -14.82 -25.32 6.92
C LEU A 69 -14.10 -25.26 8.22
N ILE A 70 -12.79 -25.37 8.18
CA ILE A 70 -11.99 -25.28 9.40
C ILE A 70 -11.30 -23.94 9.26
N ILE A 71 -11.56 -23.05 10.22
CA ILE A 71 -11.05 -21.70 10.16
C ILE A 71 -10.08 -21.41 11.28
N GLU A 72 -8.87 -20.99 10.93
CA GLU A 72 -7.89 -20.69 11.96
C GLU A 72 -8.42 -19.44 12.63
N GLN A 73 -8.59 -19.52 13.93
CA GLN A 73 -9.23 -18.41 14.58
C GLN A 73 -8.51 -17.11 14.60
N ASN A 74 -7.20 -17.12 14.78
CA ASN A 74 -6.52 -15.84 14.86
C ASN A 74 -6.51 -15.04 13.56
N ASN A 75 -6.58 -15.71 12.42
CA ASN A 75 -6.52 -14.95 11.17
C ASN A 75 -7.66 -15.21 10.26
N LEU A 76 -8.62 -16.02 10.69
CA LEU A 76 -9.79 -16.32 9.88
C LEU A 76 -9.48 -17.00 8.57
N TYR A 77 -8.33 -17.65 8.49
CA TYR A 77 -8.03 -18.37 7.29
C TYR A 77 -8.75 -19.68 7.24
N VAL A 78 -9.22 -20.06 6.06
CA VAL A 78 -9.85 -21.37 5.92
C VAL A 78 -8.65 -22.29 5.71
N ALA A 79 -8.40 -23.10 6.72
CA ALA A 79 -7.28 -24.03 6.75
C ALA A 79 -7.58 -25.27 5.93
N GLY A 80 -8.85 -25.48 5.63
CA GLY A 80 -9.22 -26.64 4.85
C GLY A 80 -10.70 -26.88 5.01
N PHE A 81 -11.19 -28.00 4.49
CA PHE A 81 -12.61 -28.26 4.58
C PHE A 81 -12.80 -29.71 4.97
N VAL A 82 -13.92 -29.96 5.64
CA VAL A 82 -14.23 -31.31 6.06
C VAL A 82 -15.47 -31.82 5.34
N ASN A 83 -15.36 -33.04 4.85
CA ASN A 83 -16.50 -33.72 4.24
C ASN A 83 -16.96 -34.54 5.46
N THR A 84 -18.10 -34.16 6.05
CA THR A 84 -18.56 -34.82 7.25
C THR A 84 -19.16 -36.17 6.92
N ALA A 85 -19.46 -36.40 5.67
CA ALA A 85 -20.00 -37.70 5.29
C ALA A 85 -18.84 -38.72 5.33
N THR A 86 -17.67 -38.35 4.82
CA THR A 86 -16.54 -39.28 4.83
C THR A 86 -15.63 -39.04 6.04
N ASN A 87 -15.97 -38.06 6.86
CA ASN A 87 -15.20 -37.70 8.05
C ASN A 87 -13.76 -37.42 7.64
N THR A 88 -13.61 -36.65 6.57
CA THR A 88 -12.29 -36.31 6.07
C THR A 88 -12.08 -34.80 6.02
N PHE A 89 -10.94 -34.39 6.59
CA PHE A 89 -10.49 -33.02 6.66
C PHE A 89 -9.37 -32.85 5.63
N TYR A 90 -9.64 -32.09 4.58
CA TYR A 90 -8.65 -31.78 3.52
C TYR A 90 -8.01 -30.49 3.99
N ARG A 91 -6.74 -30.57 4.32
CA ARG A 91 -6.06 -29.43 4.92
C ARG A 91 -5.03 -28.85 4.00
N PHE A 92 -5.03 -27.53 3.89
CA PHE A 92 -4.05 -26.90 3.02
C PHE A 92 -2.65 -27.12 3.57
N SER A 93 -1.67 -27.07 2.67
CA SER A 93 -0.30 -27.36 3.03
C SER A 93 0.28 -26.40 4.02
N ASP A 94 -0.24 -25.17 4.06
CA ASP A 94 0.30 -24.18 4.99
C ASP A 94 -0.41 -24.18 6.31
N PHE A 95 -1.17 -25.24 6.57
CA PHE A 95 -1.89 -25.31 7.82
C PHE A 95 -1.64 -26.60 8.56
N THR A 96 -0.45 -27.17 8.41
CA THR A 96 -0.16 -28.41 9.09
C THR A 96 -0.18 -28.20 10.60
N HIS A 97 -0.13 -26.95 11.05
CA HIS A 97 -0.20 -26.67 12.50
C HIS A 97 -1.63 -26.70 13.01
N ILE A 98 -2.60 -26.92 12.14
CA ILE A 98 -3.98 -26.97 12.57
C ILE A 98 -4.38 -28.41 12.64
N SER A 99 -4.63 -28.92 13.84
CA SER A 99 -5.03 -30.30 13.95
C SER A 99 -6.46 -30.39 14.41
N VAL A 100 -7.22 -31.23 13.71
CA VAL A 100 -8.61 -31.41 14.00
C VAL A 100 -8.77 -32.84 14.49
N PRO A 101 -9.28 -33.01 15.71
CA PRO A 101 -9.46 -34.37 16.23
C PRO A 101 -10.67 -35.13 15.65
N GLY A 102 -10.58 -36.46 15.60
CA GLY A 102 -11.69 -37.26 15.16
C GLY A 102 -12.00 -37.39 13.69
N VAL A 103 -11.23 -36.75 12.85
CA VAL A 103 -11.46 -36.83 11.42
C VAL A 103 -10.18 -37.40 10.83
N THR A 104 -10.26 -37.93 9.63
CA THR A 104 -9.07 -38.40 8.96
C THR A 104 -8.54 -37.11 8.31
N THR A 105 -7.30 -36.76 8.57
CA THR A 105 -6.76 -35.55 7.95
C THR A 105 -5.97 -35.89 6.70
N VAL A 106 -6.32 -35.26 5.59
CA VAL A 106 -5.61 -35.45 4.35
C VAL A 106 -4.80 -34.16 4.20
N SER A 107 -3.48 -34.29 4.29
CA SER A 107 -2.60 -33.14 4.17
C SER A 107 -2.41 -32.90 2.71
N MET A 108 -2.80 -31.73 2.27
CA MET A 108 -2.74 -31.44 0.84
C MET A 108 -1.42 -30.86 0.38
N THR A 109 -1.16 -30.95 -0.92
CA THR A 109 0.07 -30.38 -1.46
C THR A 109 -0.19 -28.92 -1.79
N THR A 110 -1.46 -28.59 -1.93
CA THR A 110 -1.87 -27.24 -2.34
C THR A 110 -1.91 -26.33 -1.12
N ASP A 111 -1.42 -25.10 -1.26
CA ASP A 111 -1.46 -24.19 -0.13
C ASP A 111 -2.72 -23.34 -0.27
N SER A 112 -3.06 -22.62 0.79
CA SER A 112 -4.29 -21.82 0.87
C SER A 112 -4.31 -20.46 0.17
N SER A 113 -3.18 -20.03 -0.38
CA SER A 113 -3.13 -18.69 -0.95
C SER A 113 -4.02 -18.47 -2.14
N TYR A 114 -4.43 -17.22 -2.32
CA TYR A 114 -5.21 -16.88 -3.47
C TYR A 114 -4.36 -17.03 -4.72
N THR A 115 -3.06 -16.76 -4.63
CA THR A 115 -2.25 -16.92 -5.85
C THR A 115 -2.40 -18.35 -6.33
N THR A 116 -2.22 -19.29 -5.41
CA THR A 116 -2.35 -20.69 -5.77
C THR A 116 -3.75 -21.06 -6.17
N LEU A 117 -4.73 -20.69 -5.34
CA LEU A 117 -6.08 -21.08 -5.64
C LEU A 117 -6.57 -20.58 -6.95
N GLN A 118 -6.29 -19.32 -7.26
CA GLN A 118 -6.76 -18.77 -8.51
C GLN A 118 -6.10 -19.50 -9.68
N ARG A 119 -4.85 -19.91 -9.49
CA ARG A 119 -4.15 -20.61 -10.58
C ARG A 119 -4.78 -21.95 -10.82
N VAL A 120 -4.88 -22.72 -9.74
CA VAL A 120 -5.45 -24.04 -9.87
C VAL A 120 -6.91 -23.94 -10.33
N ALA A 121 -7.61 -22.93 -9.86
CA ALA A 121 -9.01 -22.81 -10.24
C ALA A 121 -9.19 -22.24 -11.64
N ALA A 122 -8.15 -21.64 -12.21
CA ALA A 122 -8.30 -20.97 -13.51
C ALA A 122 -9.48 -20.01 -13.32
N LEU A 123 -9.45 -19.27 -12.22
CA LEU A 123 -10.52 -18.34 -11.93
C LEU A 123 -9.93 -17.20 -11.15
N GLU A 124 -10.06 -16.00 -11.67
CA GLU A 124 -9.57 -14.83 -10.96
C GLU A 124 -10.70 -14.36 -10.01
N ARG A 125 -10.31 -13.89 -8.83
CA ARG A 125 -11.32 -13.41 -7.91
C ARG A 125 -11.95 -12.13 -8.42
N SER A 126 -11.18 -11.27 -9.08
CA SER A 126 -11.77 -10.04 -9.55
C SER A 126 -12.69 -10.41 -10.72
N GLY A 127 -13.98 -10.24 -10.53
CA GLY A 127 -14.96 -10.60 -11.52
C GLY A 127 -15.56 -11.95 -11.23
N MET A 128 -15.08 -12.62 -10.20
CA MET A 128 -15.63 -13.91 -9.84
C MET A 128 -17.10 -13.77 -9.48
N GLN A 129 -17.92 -14.66 -10.02
CA GLN A 129 -19.33 -14.64 -9.72
C GLN A 129 -19.65 -15.69 -8.67
N ILE A 130 -20.56 -15.35 -7.77
CA ILE A 130 -20.97 -16.32 -6.77
C ILE A 130 -22.46 -16.16 -6.68
N SER A 131 -23.16 -17.27 -6.74
CA SER A 131 -24.60 -17.25 -6.64
C SER A 131 -24.95 -18.41 -5.77
N ARG A 132 -26.21 -18.51 -5.38
CA ARG A 132 -26.62 -19.64 -4.60
C ARG A 132 -26.32 -20.89 -5.45
N HIS A 133 -26.65 -20.82 -6.74
CA HIS A 133 -26.38 -21.97 -7.59
C HIS A 133 -24.90 -22.36 -7.63
N SER A 134 -23.98 -21.40 -7.75
CA SER A 134 -22.59 -21.81 -7.78
C SER A 134 -22.08 -22.25 -6.42
N LEU A 135 -22.75 -21.85 -5.33
CA LEU A 135 -22.32 -22.35 -4.03
C LEU A 135 -22.78 -23.80 -3.92
N VAL A 136 -23.90 -24.13 -4.56
CA VAL A 136 -24.33 -25.51 -4.51
C VAL A 136 -23.34 -26.32 -5.32
N SER A 137 -22.94 -25.79 -6.47
CA SER A 137 -21.96 -26.46 -7.31
C SER A 137 -20.66 -26.61 -6.57
N SER A 138 -20.31 -25.57 -5.81
CA SER A 138 -19.05 -25.56 -5.05
C SER A 138 -19.11 -26.64 -4.01
N TYR A 139 -20.26 -26.73 -3.34
CA TYR A 139 -20.45 -27.74 -2.32
C TYR A 139 -20.28 -29.15 -2.92
N LEU A 140 -20.95 -29.39 -4.04
CA LEU A 140 -20.87 -30.72 -4.67
C LEU A 140 -19.44 -31.03 -5.07
N ALA A 141 -18.75 -30.03 -5.61
CA ALA A 141 -17.35 -30.25 -5.98
C ALA A 141 -16.53 -30.63 -4.74
N LEU A 142 -16.76 -29.96 -3.61
CA LEU A 142 -15.95 -30.30 -2.46
C LEU A 142 -16.32 -31.64 -1.89
N MET A 143 -17.58 -32.02 -2.04
CA MET A 143 -17.99 -33.32 -1.49
C MET A 143 -17.44 -34.43 -2.38
N GLU A 144 -17.28 -34.13 -3.65
CA GLU A 144 -16.77 -35.13 -4.59
C GLU A 144 -15.24 -35.18 -4.58
N PHE A 145 -14.63 -34.11 -4.08
CA PHE A 145 -13.19 -34.04 -4.01
C PHE A 145 -12.58 -35.14 -3.21
N SER A 146 -11.44 -35.62 -3.70
CA SER A 146 -10.73 -36.66 -2.99
C SER A 146 -9.28 -36.41 -3.40
N GLY A 147 -8.34 -36.89 -2.61
CA GLY A 147 -6.97 -36.69 -3.00
C GLY A 147 -6.29 -35.63 -2.16
N ASN A 148 -4.97 -35.54 -2.33
CA ASN A 148 -4.11 -34.64 -1.56
C ASN A 148 -3.78 -33.39 -2.37
N THR A 149 -4.33 -33.30 -3.58
CA THR A 149 -4.04 -32.13 -4.41
C THR A 149 -5.30 -31.50 -4.95
N MET A 150 -5.49 -30.21 -4.66
CA MET A 150 -6.70 -29.55 -5.13
C MET A 150 -6.84 -29.61 -6.64
N THR A 151 -8.06 -29.83 -7.10
CA THR A 151 -8.40 -29.89 -8.51
C THR A 151 -8.93 -28.51 -8.84
N ARG A 152 -9.16 -28.26 -10.13
CA ARG A 152 -9.68 -26.98 -10.54
C ARG A 152 -11.01 -26.71 -9.87
N ASP A 153 -11.91 -27.66 -9.93
CA ASP A 153 -13.22 -27.45 -9.36
C ASP A 153 -13.23 -27.31 -7.85
N ALA A 154 -12.35 -28.02 -7.16
CA ALA A 154 -12.34 -27.88 -5.71
C ALA A 154 -11.80 -26.47 -5.40
N SER A 155 -10.82 -26.04 -6.19
CA SER A 155 -10.23 -24.71 -5.95
C SER A 155 -11.26 -23.61 -6.22
N ARG A 156 -12.06 -23.77 -7.26
CA ARG A 156 -13.09 -22.78 -7.53
C ARG A 156 -14.07 -22.75 -6.35
N ALA A 157 -14.39 -23.93 -5.84
CA ALA A 157 -15.32 -24.03 -4.71
C ALA A 157 -14.72 -23.32 -3.48
N VAL A 158 -13.42 -23.57 -3.19
CA VAL A 158 -12.81 -22.93 -2.03
C VAL A 158 -12.77 -21.43 -2.23
N LEU A 159 -12.45 -20.96 -3.43
CA LEU A 159 -12.45 -19.53 -3.64
C LEU A 159 -13.80 -18.93 -3.31
N ARG A 160 -14.84 -19.60 -3.74
CA ARG A 160 -16.17 -19.08 -3.52
C ARG A 160 -16.54 -19.14 -2.04
N PHE A 161 -16.26 -20.27 -1.42
CA PHE A 161 -16.65 -20.37 -0.02
C PHE A 161 -15.81 -19.47 0.89
N VAL A 162 -14.53 -19.32 0.58
CA VAL A 162 -13.71 -18.45 1.41
C VAL A 162 -14.26 -17.03 1.31
N THR A 163 -14.67 -16.64 0.12
CA THR A 163 -15.19 -15.29 -0.04
C THR A 163 -16.43 -15.04 0.79
N VAL A 164 -17.37 -15.97 0.74
CA VAL A 164 -18.62 -15.75 1.45
C VAL A 164 -18.58 -16.12 2.93
N THR A 165 -17.47 -16.66 3.39
CA THR A 165 -17.41 -16.97 4.81
C THR A 165 -16.32 -16.10 5.44
N ALA A 166 -15.06 -16.49 5.30
CA ALA A 166 -13.98 -15.70 5.90
C ALA A 166 -13.95 -14.27 5.41
N GLU A 167 -14.05 -14.02 4.10
CA GLU A 167 -13.90 -12.62 3.68
C GLU A 167 -15.09 -11.79 4.14
N ALA A 168 -16.27 -12.40 4.12
CA ALA A 168 -17.48 -11.70 4.56
C ALA A 168 -17.39 -11.48 6.06
N LEU A 169 -16.79 -12.42 6.79
CA LEU A 169 -16.64 -12.19 8.25
C LEU A 169 -15.77 -10.96 8.49
N ARG A 170 -14.69 -10.87 7.74
CA ARG A 170 -13.77 -9.74 7.87
C ARG A 170 -14.37 -8.43 7.40
N PHE A 171 -15.04 -8.48 6.26
CA PHE A 171 -15.59 -7.27 5.65
C PHE A 171 -17.06 -7.25 5.49
N ARG A 172 -17.67 -6.33 6.23
CA ARG A 172 -19.08 -6.14 6.16
C ARG A 172 -19.44 -5.75 4.73
N GLN A 173 -18.50 -5.15 3.98
CA GLN A 173 -18.82 -4.80 2.58
C GLN A 173 -19.14 -6.04 1.75
N ILE A 174 -18.34 -7.07 1.94
CA ILE A 174 -18.56 -8.29 1.18
C ILE A 174 -19.81 -9.01 1.71
N GLN A 175 -20.01 -8.98 3.01
CA GLN A 175 -21.24 -9.55 3.55
C GLN A 175 -22.43 -8.86 2.87
N ARG A 176 -22.42 -7.54 2.80
CA ARG A 176 -23.52 -6.81 2.23
C ARG A 176 -23.74 -7.08 0.75
N GLU A 177 -22.66 -7.07 -0.01
CA GLU A 177 -22.79 -7.28 -1.43
C GLU A 177 -23.19 -8.71 -1.76
N PHE A 178 -22.53 -9.65 -1.11
CA PHE A 178 -22.82 -11.00 -1.43
C PHE A 178 -24.20 -11.43 -1.01
N ARG A 179 -24.66 -10.92 0.13
CA ARG A 179 -25.93 -11.42 0.62
C ARG A 179 -27.09 -11.25 -0.35
N GLN A 180 -26.99 -10.30 -1.28
CA GLN A 180 -28.08 -10.13 -2.25
C GLN A 180 -28.29 -11.45 -3.06
N ALA A 181 -27.21 -12.20 -3.29
CA ALA A 181 -27.33 -13.44 -4.05
C ALA A 181 -28.21 -14.46 -3.35
N LEU A 182 -28.45 -14.24 -2.06
CA LEU A 182 -29.25 -15.17 -1.32
C LEU A 182 -30.71 -14.88 -1.42
N SER A 183 -31.04 -13.74 -2.01
CA SER A 183 -32.46 -13.40 -2.06
C SER A 183 -33.16 -14.24 -3.10
N GLU A 184 -34.49 -14.23 -3.02
CA GLU A 184 -35.31 -15.01 -3.90
C GLU A 184 -35.12 -14.66 -5.38
N THR A 185 -34.62 -13.47 -5.69
CA THR A 185 -34.44 -13.16 -7.11
C THR A 185 -33.18 -13.90 -7.57
N ALA A 186 -32.43 -14.45 -6.61
CA ALA A 186 -31.18 -15.18 -6.87
C ALA A 186 -30.26 -14.45 -7.85
N PRO A 187 -29.92 -13.19 -7.57
CA PRO A 187 -29.03 -12.52 -8.52
C PRO A 187 -27.63 -13.10 -8.30
N VAL A 188 -26.71 -12.60 -9.09
CA VAL A 188 -25.34 -13.05 -8.98
C VAL A 188 -24.54 -11.99 -8.28
N TYR A 189 -23.67 -12.40 -7.37
CA TYR A 189 -22.77 -11.47 -6.71
C TYR A 189 -21.52 -11.52 -7.57
N THR A 190 -20.99 -10.36 -7.94
CA THR A 190 -19.74 -10.39 -8.72
C THR A 190 -18.73 -9.69 -7.87
N MET A 191 -17.70 -10.42 -7.51
CA MET A 191 -16.65 -9.81 -6.71
C MET A 191 -15.99 -8.69 -7.49
N THR A 192 -15.97 -7.52 -6.90
CA THR A 192 -15.38 -6.36 -7.55
C THR A 192 -13.88 -6.16 -7.24
N PRO A 193 -13.24 -5.30 -8.02
CA PRO A 193 -11.83 -5.01 -7.81
C PRO A 193 -11.73 -4.43 -6.42
N GLY A 194 -12.72 -3.63 -6.02
CA GLY A 194 -12.70 -3.02 -4.70
C GLY A 194 -12.80 -4.08 -3.61
N ASP A 195 -13.66 -5.07 -3.82
CA ASP A 195 -13.78 -6.17 -2.85
C ASP A 195 -12.42 -6.87 -2.77
N VAL A 196 -11.85 -7.16 -3.95
CA VAL A 196 -10.56 -7.84 -3.95
C VAL A 196 -9.53 -6.97 -3.21
N ASP A 197 -9.47 -5.68 -3.51
CA ASP A 197 -8.51 -4.82 -2.84
C ASP A 197 -8.68 -4.86 -1.34
N LEU A 198 -9.93 -4.84 -0.88
CA LEU A 198 -10.11 -4.91 0.56
C LEU A 198 -9.47 -6.12 1.16
N THR A 199 -9.75 -7.29 0.57
CA THR A 199 -9.22 -8.52 1.11
C THR A 199 -7.68 -8.54 1.10
N LEU A 200 -7.09 -7.87 0.14
CA LEU A 200 -5.65 -7.86 0.05
C LEU A 200 -5.03 -6.89 1.07
N ASN A 201 -5.84 -6.10 1.72
CA ASN A 201 -5.32 -5.12 2.65
C ASN A 201 -5.79 -5.35 4.07
N TRP A 202 -6.24 -6.56 4.35
CA TRP A 202 -6.80 -6.84 5.66
C TRP A 202 -5.79 -6.62 6.78
N GLY A 203 -4.58 -7.13 6.60
CA GLY A 203 -3.59 -6.93 7.64
C GLY A 203 -3.26 -5.47 7.83
N ARG A 204 -3.14 -4.74 6.73
CA ARG A 204 -2.77 -3.34 6.84
C ARG A 204 -3.88 -2.56 7.52
N ILE A 205 -5.10 -2.86 7.13
CA ILE A 205 -6.24 -2.18 7.73
C ILE A 205 -6.26 -2.49 9.22
N SER A 206 -5.98 -3.76 9.53
CA SER A 206 -6.01 -4.19 10.93
C SER A 206 -5.05 -3.42 11.80
N ASN A 207 -3.91 -3.03 11.23
CA ASN A 207 -2.89 -2.34 12.01
C ASN A 207 -3.24 -0.89 12.22
N VAL A 208 -4.10 -0.37 11.36
CA VAL A 208 -4.42 1.05 11.43
C VAL A 208 -5.66 1.40 12.19
N LEU A 209 -6.73 0.62 12.00
CA LEU A 209 -7.98 0.99 12.64
C LEU A 209 -7.95 1.10 14.17
N PRO A 210 -7.14 0.30 14.85
CA PRO A 210 -7.14 0.45 16.32
C PRO A 210 -6.66 1.83 16.72
N GLU A 211 -6.01 2.54 15.81
CA GLU A 211 -5.51 3.87 16.15
C GLU A 211 -6.51 4.97 15.87
N TYR A 212 -7.56 4.64 15.15
CA TYR A 212 -8.59 5.60 14.79
C TYR A 212 -9.22 6.29 16.03
N ARG A 213 -9.33 7.60 15.97
CA ARG A 213 -9.91 8.35 17.06
C ARG A 213 -10.80 9.41 16.49
N GLY A 214 -11.63 9.01 15.54
CA GLY A 214 -12.59 9.94 14.97
C GLY A 214 -12.04 10.87 13.92
N GLU A 215 -10.88 10.54 13.33
CA GLU A 215 -10.36 11.42 12.28
C GLU A 215 -11.33 11.49 11.12
N ASP A 216 -11.24 12.54 10.31
CA ASP A 216 -12.15 12.66 9.17
C ASP A 216 -12.08 11.48 8.22
N GLY A 217 -10.92 10.86 8.09
CA GLY A 217 -10.84 9.73 7.18
C GLY A 217 -9.68 8.82 7.52
N VAL A 218 -9.58 7.73 6.79
CA VAL A 218 -8.53 6.75 7.01
C VAL A 218 -8.05 6.35 5.65
N ARG A 219 -6.73 6.28 5.51
CA ARG A 219 -6.15 5.93 4.22
C ARG A 219 -5.19 4.82 4.46
N VAL A 220 -5.43 3.68 3.83
CA VAL A 220 -4.53 2.57 4.00
C VAL A 220 -4.26 2.08 2.60
N GLY A 221 -3.10 2.45 2.08
CA GLY A 221 -2.79 2.04 0.71
C GLY A 221 -3.87 2.55 -0.23
N ARG A 222 -4.43 1.63 -1.00
CA ARG A 222 -5.47 1.96 -1.98
C ARG A 222 -6.84 2.11 -1.32
N ILE A 223 -6.89 1.86 -0.02
CA ILE A 223 -8.17 1.88 0.70
C ILE A 223 -8.43 3.21 1.34
N SER A 224 -9.66 3.70 1.18
CA SER A 224 -9.99 4.99 1.78
C SER A 224 -11.34 4.88 2.48
N PHE A 225 -11.41 5.41 3.69
CA PHE A 225 -12.68 5.43 4.43
C PHE A 225 -12.87 6.89 4.80
N ASN A 226 -13.96 7.49 4.36
CA ASN A 226 -14.14 8.91 4.62
C ASN A 226 -14.82 9.31 5.90
N ASN A 227 -15.33 8.35 6.62
CA ASN A 227 -16.09 8.67 7.83
C ASN A 227 -16.35 7.35 8.51
N ILE A 228 -16.94 7.40 9.69
CA ILE A 228 -17.11 6.16 10.40
C ILE A 228 -18.12 5.23 9.77
N SER A 229 -19.16 5.74 9.12
CA SER A 229 -20.11 4.81 8.51
C SER A 229 -19.43 4.07 7.37
N ALA A 230 -18.44 4.71 6.74
CA ALA A 230 -17.72 4.03 5.65
C ALA A 230 -16.90 2.94 6.26
N ILE A 231 -16.29 3.21 7.40
CA ILE A 231 -15.47 2.18 8.00
C ILE A 231 -16.36 0.99 8.38
N LEU A 232 -17.44 1.30 9.11
CA LEU A 232 -18.36 0.26 9.58
C LEU A 232 -19.03 -0.48 8.48
N GLY A 233 -19.34 0.24 7.41
CA GLY A 233 -19.98 -0.43 6.29
C GLY A 233 -19.04 -1.30 5.50
N THR A 234 -17.75 -1.14 5.76
CA THR A 234 -16.77 -1.91 5.01
C THR A 234 -16.12 -3.01 5.78
N VAL A 235 -15.66 -2.68 6.99
CA VAL A 235 -14.90 -3.65 7.80
C VAL A 235 -15.67 -4.12 9.00
N ALA A 236 -15.61 -5.42 9.28
CA ALA A 236 -16.27 -5.92 10.49
C ALA A 236 -15.28 -6.50 11.50
N VAL A 237 -14.27 -7.21 11.01
CA VAL A 237 -13.35 -7.85 11.93
C VAL A 237 -11.92 -7.68 11.45
N ILE A 238 -11.02 -7.36 12.38
CA ILE A 238 -9.62 -7.19 12.03
C ILE A 238 -8.74 -8.07 12.91
N LEU A 239 -7.53 -8.30 12.41
CA LEU A 239 -6.54 -9.06 13.16
C LEU A 239 -6.24 -8.31 14.43
N ASN A 240 -5.78 -9.06 15.43
CA ASN A 240 -5.38 -8.51 16.70
C ASN A 240 -3.92 -8.09 16.47
N CYS A 241 -3.67 -6.80 16.41
CA CYS A 241 -2.33 -6.34 16.16
C CYS A 241 -1.54 -6.04 17.45
N HIS A 242 -1.40 -7.09 18.25
CA HIS A 242 -0.68 -7.09 19.54
C HIS A 242 0.17 -8.36 19.68
N GLN A 257 0.56 -15.76 5.13
CA GLN A 257 -0.65 -15.40 5.87
C GLN A 257 -0.61 -13.92 6.31
N PRO A 258 -1.78 -13.34 6.61
CA PRO A 258 -1.80 -11.92 7.02
C PRO A 258 -1.04 -11.61 8.30
N GLU A 259 -0.47 -10.40 8.33
CA GLU A 259 0.26 -9.90 9.48
C GLU A 259 -0.08 -8.42 9.60
N CYS A 260 0.11 -7.91 10.81
CA CYS A 260 -0.18 -6.52 11.08
C CYS A 260 0.93 -5.59 10.66
N GLN A 261 2.12 -6.14 10.56
CA GLN A 261 3.23 -5.27 10.29
C GLN A 261 3.93 -5.72 9.04
N ILE A 262 4.28 -4.77 8.20
CA ILE A 262 4.99 -5.06 6.97
C ILE A 262 6.43 -4.68 7.21
N THR A 263 6.64 -3.47 7.65
CA THR A 263 7.99 -3.01 7.92
C THR A 263 7.81 -1.78 8.80
N GLY A 264 8.87 -1.38 9.48
CA GLY A 264 8.74 -0.22 10.35
C GLY A 264 7.99 -0.56 11.62
N ASP A 265 7.65 0.46 12.39
CA ASP A 265 6.97 0.24 13.64
C ASP A 265 6.02 1.38 13.92
N ARG A 266 5.60 2.10 12.90
CA ARG A 266 4.69 3.22 13.13
C ARG A 266 3.39 2.92 12.40
N PRO A 267 2.37 2.55 13.16
CA PRO A 267 1.12 2.25 12.47
C PRO A 267 0.55 3.35 11.63
N VAL A 268 0.58 4.57 12.17
CA VAL A 268 -0.08 5.63 11.47
C VAL A 268 0.56 6.98 11.61
N ILE A 269 0.10 7.88 10.74
CA ILE A 269 0.49 9.26 10.80
C ILE A 269 -0.80 10.00 10.53
N LYS A 270 -1.08 10.98 11.37
CA LYS A 270 -2.28 11.79 11.15
C LYS A 270 -1.83 12.97 10.32
N ILE A 271 -2.43 13.10 9.14
CA ILE A 271 -2.09 14.19 8.22
C ILE A 271 -3.39 14.89 7.81
N ASN A 272 -3.53 16.16 8.11
CA ASN A 272 -4.75 16.88 7.74
C ASN A 272 -5.99 16.11 8.15
N ASN A 273 -6.01 15.74 9.42
CA ASN A 273 -7.13 15.02 10.02
C ASN A 273 -7.56 13.76 9.27
N THR A 274 -6.57 13.07 8.69
CA THR A 274 -6.84 11.80 8.03
C THR A 274 -5.77 10.90 8.64
N LEU A 275 -6.18 9.72 9.05
CA LEU A 275 -5.28 8.78 9.63
C LEU A 275 -4.71 7.96 8.48
N TRP A 276 -3.42 8.12 8.23
CA TRP A 276 -2.76 7.39 7.16
C TRP A 276 -1.94 6.23 7.70
N GLU A 277 -1.96 5.13 6.95
CA GLU A 277 -1.06 4.04 7.28
C GLU A 277 0.31 4.72 7.05
N SER A 278 1.22 4.69 8.01
CA SER A 278 2.47 5.42 7.78
C SER A 278 3.25 4.91 6.56
N ASN A 279 3.21 3.60 6.33
CA ASN A 279 3.95 3.01 5.21
C ASN A 279 3.45 3.54 3.89
N THR A 280 2.15 3.87 3.83
CA THR A 280 1.65 4.39 2.58
C THR A 280 2.22 5.76 2.34
N ALA A 281 2.22 6.58 3.38
CA ALA A 281 2.78 7.92 3.19
C ALA A 281 4.25 7.80 2.87
N ALA A 282 4.96 6.93 3.60
CA ALA A 282 6.40 6.79 3.36
C ALA A 282 6.66 6.40 1.91
N ALA A 283 5.75 5.61 1.33
CA ALA A 283 5.94 5.13 -0.02
C ALA A 283 5.73 6.15 -1.14
N PHE A 284 5.12 7.30 -0.85
CA PHE A 284 5.08 8.34 -1.88
C PHE A 284 5.91 9.55 -1.40
N LEU A 285 6.48 9.48 -0.20
CA LEU A 285 7.34 10.58 0.25
C LEU A 285 8.82 10.15 0.18
N ASN A 286 9.11 9.07 -0.54
CA ASN A 286 10.50 8.63 -0.62
C ASN A 286 11.07 8.95 -2.00
N ARG A 287 10.49 9.90 -2.72
CA ARG A 287 11.02 10.23 -4.03
C ARG A 287 12.02 11.35 -3.93
N LYS A 288 13.08 11.30 -4.73
CA LYS A 288 13.99 12.43 -4.67
C LYS A 288 13.47 13.50 -5.67
N SER A 289 14.22 14.56 -5.80
CA SER A 289 13.87 15.63 -6.73
C SER A 289 13.59 15.05 -8.10
N GLN A 290 12.45 15.42 -8.65
CA GLN A 290 11.98 14.85 -9.91
C GLN A 290 12.95 15.08 -11.03
N PHE A 291 13.47 16.29 -11.12
CA PHE A 291 14.40 16.59 -12.19
C PHE A 291 15.65 15.70 -12.08
N LEU A 292 16.14 15.48 -10.86
CA LEU A 292 17.31 14.66 -10.67
C LEU A 292 16.98 13.21 -10.97
N TYR A 293 15.76 12.82 -10.61
CA TYR A 293 15.34 11.45 -10.82
C TYR A 293 15.33 11.07 -12.30
N THR A 294 14.65 11.89 -13.08
CA THR A 294 14.48 11.61 -14.48
C THR A 294 15.69 11.76 -15.32
N THR A 295 16.55 12.68 -14.93
CA THR A 295 17.75 12.89 -15.73
C THR A 295 18.87 11.93 -15.32
N GLY A 296 18.79 11.37 -14.13
CA GLY A 296 19.84 10.46 -13.68
C GLY A 296 19.56 9.05 -14.13
N LYS A 297 19.62 8.84 -15.43
CA LYS A 297 19.32 7.52 -15.95
C LYS A 297 20.49 6.53 -15.95
N ALA B 1 24.72 27.53 13.54
CA ALA B 1 23.66 27.91 14.54
C ALA B 1 22.32 27.28 14.22
N ASP B 2 21.51 27.01 15.24
CA ASP B 2 20.17 26.49 14.98
C ASP B 2 19.30 27.70 14.74
N CYS B 3 19.01 27.97 13.48
CA CYS B 3 18.16 29.10 13.11
C CYS B 3 16.75 29.01 13.59
N ALA B 4 16.19 27.81 13.55
CA ALA B 4 14.82 27.60 13.91
C ALA B 4 14.59 26.13 14.09
N LYS B 5 13.72 25.80 15.03
CA LYS B 5 13.41 24.44 15.29
C LYS B 5 11.92 24.40 15.56
N GLY B 6 11.25 23.52 14.85
CA GLY B 6 9.82 23.40 15.03
C GLY B 6 9.20 22.73 13.84
N LYS B 7 7.88 22.77 13.77
CA LYS B 7 7.20 22.14 12.66
C LYS B 7 7.19 23.09 11.50
N ILE B 8 7.07 22.55 10.30
CA ILE B 8 7.01 23.40 9.14
C ILE B 8 5.58 23.94 9.04
N GLU B 9 5.43 25.25 9.15
CA GLU B 9 4.12 25.93 9.09
C GLU B 9 3.61 25.99 7.67
N PHE B 10 4.51 26.19 6.71
CA PHE B 10 4.11 26.11 5.31
C PHE B 10 5.36 25.92 4.51
N SER B 11 5.21 25.35 3.31
CA SER B 11 6.44 25.25 2.50
C SER B 11 6.02 25.89 1.18
N LYS B 12 6.99 26.25 0.36
CA LYS B 12 6.60 26.90 -0.89
C LYS B 12 7.66 26.73 -1.92
N TYR B 13 7.25 26.32 -3.10
CA TYR B 13 8.18 26.19 -4.21
C TYR B 13 8.19 27.58 -4.85
N ASN B 14 9.37 28.08 -5.13
CA ASN B 14 9.52 29.44 -5.67
C ASN B 14 9.88 29.49 -7.11
N GLU B 15 9.60 30.64 -7.73
CA GLU B 15 9.87 30.79 -9.15
C GLU B 15 11.31 30.62 -9.55
N ASP B 16 12.21 30.80 -8.60
CA ASP B 16 13.62 30.65 -8.92
C ASP B 16 14.09 29.22 -8.60
N ASP B 17 13.13 28.31 -8.44
CA ASP B 17 13.42 26.91 -8.07
C ASP B 17 13.99 26.71 -6.71
N THR B 18 13.93 27.72 -5.85
CA THR B 18 14.35 27.51 -4.48
C THR B 18 13.08 27.09 -3.75
N PHE B 19 13.22 26.77 -2.48
CA PHE B 19 12.11 26.25 -1.73
C PHE B 19 12.13 26.90 -0.37
N THR B 20 10.99 27.42 0.03
CA THR B 20 10.88 28.10 1.28
C THR B 20 10.08 27.33 2.31
N VAL B 21 10.51 27.43 3.55
CA VAL B 21 9.75 26.82 4.61
C VAL B 21 9.64 27.84 5.73
N LYS B 22 8.51 27.81 6.41
CA LYS B 22 8.35 28.70 7.55
C LYS B 22 8.41 27.81 8.78
N VAL B 23 9.34 28.11 9.68
CA VAL B 23 9.51 27.31 10.87
C VAL B 23 9.59 28.25 12.09
N ASP B 24 8.81 27.96 13.11
CA ASP B 24 8.83 28.77 14.34
C ASP B 24 8.71 30.24 13.99
N GLY B 25 7.79 30.53 13.09
CA GLY B 25 7.55 31.90 12.72
C GLY B 25 8.45 32.59 11.74
N LYS B 26 9.51 31.94 11.29
CA LYS B 26 10.41 32.60 10.34
C LYS B 26 10.51 31.78 9.08
N GLU B 27 10.75 32.49 7.98
CA GLU B 27 10.89 31.85 6.69
C GLU B 27 12.35 31.74 6.30
N TYR B 28 12.68 30.60 5.71
CA TYR B 28 14.03 30.35 5.26
C TYR B 28 13.85 29.68 3.92
N TRP B 29 14.83 29.83 3.05
CA TRP B 29 14.71 29.21 1.77
C TRP B 29 15.96 28.42 1.51
N THR B 30 15.85 27.40 0.66
CA THR B 30 17.05 26.65 0.31
C THR B 30 17.07 26.45 -1.21
N SER B 31 18.25 26.44 -1.80
CA SER B 31 18.31 26.22 -3.24
C SER B 31 18.62 24.73 -3.49
N ARG B 32 18.77 23.92 -2.45
CA ARG B 32 19.13 22.51 -2.66
C ARG B 32 17.90 21.75 -3.06
N TRP B 33 17.86 21.26 -4.30
CA TRP B 33 16.63 20.60 -4.72
C TRP B 33 16.19 19.39 -3.93
N ASN B 34 17.12 18.56 -3.48
CA ASN B 34 16.66 17.39 -2.77
C ASN B 34 16.06 17.74 -1.42
N LEU B 35 16.23 18.96 -0.95
CA LEU B 35 15.59 19.32 0.30
C LEU B 35 14.10 19.55 0.04
N GLN B 36 13.71 19.68 -1.21
CA GLN B 36 12.28 19.94 -1.47
C GLN B 36 11.43 18.77 -1.02
N PRO B 37 11.71 17.54 -1.53
CA PRO B 37 10.86 16.46 -1.04
C PRO B 37 11.12 16.18 0.44
N LEU B 38 12.35 16.34 0.88
CA LEU B 38 12.65 16.08 2.28
C LEU B 38 11.85 17.03 3.17
N LEU B 39 11.77 18.29 2.78
CA LEU B 39 11.04 19.22 3.64
C LEU B 39 9.55 19.02 3.53
N GLN B 40 9.06 18.76 2.34
CA GLN B 40 7.62 18.53 2.25
C GLN B 40 7.21 17.30 3.06
N SER B 41 8.01 16.25 2.98
CA SER B 41 7.72 15.05 3.74
C SER B 41 7.69 15.42 5.25
N ALA B 42 8.70 16.17 5.71
CA ALA B 42 8.75 16.54 7.13
C ALA B 42 7.47 17.33 7.49
N GLN B 43 7.08 18.21 6.58
CA GLN B 43 5.89 19.00 6.86
C GLN B 43 4.66 18.10 6.93
N LEU B 44 4.55 17.15 6.02
CA LEU B 44 3.39 16.28 6.00
C LEU B 44 3.36 15.30 7.14
N THR B 45 4.51 14.83 7.56
CA THR B 45 4.45 13.85 8.63
C THR B 45 4.62 14.43 10.03
N GLY B 46 4.77 15.75 10.11
CA GLY B 46 4.87 16.38 11.42
C GLY B 46 6.23 16.33 12.07
N MET B 47 7.26 16.20 11.25
CA MET B 47 8.60 16.17 11.83
C MET B 47 9.02 17.52 12.40
N THR B 48 9.83 17.49 13.45
CA THR B 48 10.37 18.75 13.92
C THR B 48 11.64 18.90 13.07
N VAL B 49 11.82 20.07 12.47
CA VAL B 49 13.01 20.31 11.70
C VAL B 49 13.82 21.38 12.38
N THR B 50 15.13 21.23 12.31
CA THR B 50 15.99 22.24 12.90
C THR B 50 16.76 22.80 11.73
N ILE B 51 16.45 24.04 11.38
CA ILE B 51 17.11 24.72 10.28
C ILE B 51 18.44 25.21 10.86
N LYS B 52 19.55 24.92 10.18
CA LYS B 52 20.86 25.35 10.70
C LYS B 52 21.60 26.10 9.64
N SER B 53 22.36 27.10 10.04
CA SER B 53 23.05 27.92 9.04
C SER B 53 24.02 28.76 9.77
N SER B 54 25.10 29.12 9.09
CA SER B 54 26.12 29.96 9.70
C SER B 54 25.50 31.26 10.13
N THR B 55 24.56 31.77 9.33
CA THR B 55 23.84 33.00 9.64
C THR B 55 22.37 32.60 9.62
N CYS B 56 21.54 33.22 10.44
CA CYS B 56 20.15 32.84 10.53
C CYS B 56 19.09 33.94 10.27
N GLU B 57 19.50 34.96 9.52
CA GLU B 57 18.61 36.08 9.18
C GLU B 57 17.27 35.60 8.67
N SER B 58 16.19 36.29 9.07
CA SER B 58 14.85 35.92 8.61
C SER B 58 14.78 36.14 7.09
N GLY B 59 14.38 35.10 6.35
CA GLY B 59 14.28 35.15 4.89
C GLY B 59 15.64 34.83 4.27
N SER B 60 16.51 34.20 5.08
CA SER B 60 17.88 33.81 4.71
C SER B 60 17.89 32.37 4.14
N GLY B 61 18.97 32.03 3.43
CA GLY B 61 19.06 30.68 2.84
C GLY B 61 19.67 29.67 3.81
N PHE B 62 19.45 28.38 3.57
CA PHE B 62 20.04 27.37 4.41
C PHE B 62 20.27 26.13 3.54
N ALA B 63 21.14 25.23 4.03
CA ALA B 63 21.39 24.01 3.29
C ALA B 63 21.73 22.93 4.30
N GLU B 64 21.36 23.16 5.56
CA GLU B 64 21.59 22.16 6.60
C GLU B 64 20.31 22.10 7.42
N VAL B 65 19.76 20.91 7.58
CA VAL B 65 18.53 20.81 8.36
C VAL B 65 18.41 19.44 8.93
N GLN B 66 18.09 19.42 10.21
CA GLN B 66 17.95 18.15 10.88
C GLN B 66 16.48 17.80 10.93
N PHE B 67 16.18 16.53 10.79
CA PHE B 67 14.79 16.07 10.80
C PHE B 67 14.59 15.11 11.94
N ASN B 68 13.58 15.36 12.78
CA ASN B 68 13.25 14.46 13.87
C ASN B 68 11.77 14.12 13.81
N ASN B 69 11.42 12.85 14.01
CA ASN B 69 10.02 12.49 14.05
C ASN B 69 9.42 13.24 15.29
N ASP B 70 10.23 13.46 16.32
CA ASP B 70 9.66 14.17 17.48
C ASP B 70 10.37 15.39 18.04
N ALA C 1 31.81 -3.48 7.24
CA ALA C 1 31.21 -4.14 8.46
C ALA C 1 29.85 -3.60 8.70
N ASP C 2 29.00 -4.38 9.36
CA ASP C 2 27.67 -3.87 9.73
C ASP C 2 27.95 -3.04 10.98
N CYS C 3 27.77 -1.73 10.86
CA CYS C 3 28.10 -0.81 11.92
C CYS C 3 27.00 -0.51 12.89
N ALA C 4 25.77 -0.39 12.39
CA ALA C 4 24.70 -0.02 13.27
C ALA C 4 23.44 -0.53 12.70
N LYS C 5 22.59 -1.10 13.54
CA LYS C 5 21.34 -1.60 13.02
C LYS C 5 20.30 -1.10 13.97
N GLY C 6 19.29 -0.43 13.43
CA GLY C 6 18.24 0.11 14.27
C GLY C 6 17.49 1.16 13.52
N LYS C 7 16.59 1.86 14.22
CA LYS C 7 15.82 2.89 13.58
C LYS C 7 16.67 4.15 13.51
N ILE C 8 16.35 5.00 12.56
CA ILE C 8 17.02 6.26 12.40
C ILE C 8 16.48 7.18 13.48
N GLU C 9 17.37 7.70 14.30
CA GLU C 9 17.00 8.54 15.43
C GLU C 9 16.81 9.97 14.98
N PHE C 10 17.60 10.40 14.01
CA PHE C 10 17.38 11.69 13.40
C PHE C 10 18.15 11.63 12.07
N SER C 11 17.81 12.52 11.14
CA SER C 11 18.56 12.54 9.89
C SER C 11 18.87 14.00 9.70
N LYS C 12 19.84 14.28 8.85
CA LYS C 12 20.21 15.66 8.65
C LYS C 12 20.81 15.82 7.28
N TYR C 13 20.31 16.83 6.59
CA TYR C 13 20.83 17.19 5.26
C TYR C 13 21.96 18.15 5.60
N ASN C 14 23.13 17.88 5.06
CA ASN C 14 24.30 18.68 5.38
C ASN C 14 24.68 19.68 4.29
N GLU C 15 25.40 20.72 4.70
CA GLU C 15 25.81 21.77 3.80
C GLU C 15 26.55 21.28 2.60
N ASP C 16 27.28 20.17 2.74
CA ASP C 16 28.01 19.66 1.60
C ASP C 16 27.19 18.70 0.76
N ASP C 17 25.89 18.68 1.02
CA ASP C 17 24.95 17.80 0.34
C ASP C 17 24.99 16.33 0.72
N THR C 18 25.84 15.99 1.69
CA THR C 18 25.80 14.63 2.19
C THR C 18 24.62 14.58 3.15
N PHE C 19 24.34 13.41 3.69
CA PHE C 19 23.14 13.24 4.50
C PHE C 19 23.52 12.33 5.62
N THR C 20 23.13 12.71 6.82
CA THR C 20 23.51 12.00 8.00
C THR C 20 22.33 11.36 8.65
N VAL C 21 22.55 10.17 9.19
CA VAL C 21 21.52 9.52 9.98
C VAL C 21 22.18 9.05 11.26
N LYS C 22 21.39 9.08 12.34
CA LYS C 22 21.90 8.57 13.61
C LYS C 22 21.20 7.25 13.81
N VAL C 23 21.99 6.19 13.93
CA VAL C 23 21.46 4.84 14.09
C VAL C 23 22.23 4.18 15.23
N ASP C 24 21.50 3.58 16.14
CA ASP C 24 22.12 2.93 17.30
C ASP C 24 23.10 3.87 18.00
N GLY C 25 22.65 5.12 18.16
CA GLY C 25 23.42 6.15 18.84
C GLY C 25 24.68 6.68 18.16
N LYS C 26 24.89 6.29 16.90
CA LYS C 26 26.08 6.74 16.20
C LYS C 26 25.64 7.45 14.93
N GLU C 27 26.35 8.50 14.58
CA GLU C 27 26.02 9.26 13.41
C GLU C 27 26.83 8.79 12.20
N TYR C 28 26.18 8.73 11.04
CA TYR C 28 26.85 8.28 9.81
C TYR C 28 26.38 9.17 8.70
N TRP C 29 27.27 9.47 7.77
CA TRP C 29 26.89 10.34 6.69
C TRP C 29 27.09 9.62 5.39
N THR C 30 26.31 10.00 4.40
CA THR C 30 26.51 9.36 3.10
C THR C 30 26.44 10.42 2.03
N SER C 31 27.23 10.27 0.99
CA SER C 31 27.15 11.22 -0.11
C SER C 31 26.29 10.61 -1.21
N ARG C 32 25.71 9.46 -0.98
CA ARG C 32 24.87 8.87 -2.04
C ARG C 32 23.53 9.64 -2.04
N TRP C 33 23.35 10.46 -3.07
CA TRP C 33 22.15 11.29 -3.20
C TRP C 33 20.86 10.56 -3.05
N ASN C 34 20.77 9.42 -3.73
CA ASN C 34 19.55 8.63 -3.69
C ASN C 34 19.18 8.16 -2.36
N LEU C 35 20.14 8.05 -1.46
CA LEU C 35 19.76 7.57 -0.14
C LEU C 35 18.99 8.58 0.67
N GLN C 36 19.00 9.85 0.29
CA GLN C 36 18.34 10.83 1.13
C GLN C 36 16.85 10.58 1.36
N PRO C 37 16.06 10.49 0.28
CA PRO C 37 14.63 10.26 0.52
C PRO C 37 14.38 8.87 1.03
N LEU C 38 15.21 7.92 0.60
CA LEU C 38 14.98 6.56 1.08
C LEU C 38 15.20 6.46 2.56
N LEU C 39 16.25 7.14 3.06
CA LEU C 39 16.52 7.07 4.51
C LEU C 39 15.45 7.88 5.23
N GLN C 40 15.02 8.99 4.65
CA GLN C 40 14.00 9.76 5.36
C GLN C 40 12.69 9.01 5.47
N SER C 41 12.34 8.27 4.43
CA SER C 41 11.12 7.49 4.50
C SER C 41 11.29 6.36 5.50
N ALA C 42 12.47 5.77 5.54
CA ALA C 42 12.68 4.72 6.52
C ALA C 42 12.51 5.35 7.90
N GLN C 43 13.06 6.54 8.04
CA GLN C 43 13.00 7.23 9.31
C GLN C 43 11.57 7.50 9.75
N LEU C 44 10.76 8.04 8.88
CA LEU C 44 9.41 8.41 9.30
C LEU C 44 8.56 7.20 9.62
N THR C 45 8.87 6.05 9.04
CA THR C 45 8.03 4.90 9.33
C THR C 45 8.66 3.98 10.38
N GLY C 46 9.84 4.36 10.85
CA GLY C 46 10.49 3.54 11.85
C GLY C 46 11.08 2.25 11.32
N MET C 47 11.49 2.27 10.06
CA MET C 47 12.06 1.11 9.45
C MET C 47 13.45 0.89 10.03
N THR C 48 13.80 -0.33 10.36
CA THR C 48 15.12 -0.60 10.88
C THR C 48 16.12 -0.62 9.69
N VAL C 49 17.25 0.07 9.83
CA VAL C 49 18.22 0.01 8.75
C VAL C 49 19.52 -0.51 9.33
N THR C 50 20.38 -1.03 8.47
CA THR C 50 21.69 -1.49 8.95
C THR C 50 22.68 -0.68 8.13
N ILE C 51 23.48 0.14 8.82
CA ILE C 51 24.47 0.98 8.17
C ILE C 51 25.73 0.10 8.02
N LYS C 52 26.32 0.07 6.83
CA LYS C 52 27.49 -0.76 6.62
C LYS C 52 28.59 0.17 6.16
N SER C 53 29.75 -0.03 6.74
CA SER C 53 30.86 0.83 6.37
C SER C 53 32.15 0.21 6.79
N SER C 54 33.23 0.78 6.29
CA SER C 54 34.58 0.34 6.64
C SER C 54 34.87 0.66 8.11
N THR C 55 34.28 1.74 8.63
CA THR C 55 34.54 2.13 10.03
C THR C 55 33.19 2.39 10.65
N CYS C 56 33.06 2.07 11.91
CA CYS C 56 31.75 2.19 12.53
C CYS C 56 31.59 3.29 13.61
N GLU C 57 32.66 4.01 13.87
CA GLU C 57 32.59 5.08 14.85
C GLU C 57 31.61 6.12 14.36
N SER C 58 31.01 6.79 15.31
CA SER C 58 30.12 7.86 14.94
C SER C 58 30.97 8.83 14.14
N GLY C 59 30.37 9.39 13.10
CA GLY C 59 31.10 10.30 12.22
C GLY C 59 31.62 9.62 10.97
N SER C 60 31.41 8.32 10.84
CA SER C 60 31.89 7.56 9.67
C SER C 60 30.97 7.75 8.46
N GLY C 61 31.53 7.51 7.28
CA GLY C 61 30.71 7.63 6.08
C GLY C 61 30.22 6.24 5.70
N PHE C 62 29.15 6.19 4.91
CA PHE C 62 28.70 4.89 4.43
C PHE C 62 28.15 5.11 3.01
N ALA C 63 28.16 4.05 2.23
CA ALA C 63 27.60 4.11 0.88
C ALA C 63 26.79 2.83 0.73
N GLU C 64 26.56 2.12 1.83
CA GLU C 64 25.77 0.89 1.75
C GLU C 64 24.84 0.84 2.95
N VAL C 65 23.57 0.52 2.71
CA VAL C 65 22.66 0.46 3.85
C VAL C 65 21.58 -0.49 3.48
N GLN C 66 21.20 -1.30 4.46
CA GLN C 66 20.15 -2.28 4.19
C GLN C 66 18.89 -1.80 4.94
N PHE C 67 17.76 -1.92 4.29
CA PHE C 67 16.47 -1.50 4.85
C PHE C 67 15.77 -2.81 5.22
N ASN C 68 15.57 -3.02 6.52
CA ASN C 68 15.00 -4.23 7.03
C ASN C 68 13.51 -4.08 7.39
N ASN C 69 12.85 -5.22 7.54
CA ASN C 69 11.45 -5.19 7.90
C ASN C 69 11.21 -5.48 9.37
N ASP C 70 12.28 -5.53 10.16
CA ASP C 70 12.19 -5.71 11.62
C ASP C 70 11.24 -4.69 12.27
N ALA D 1 13.56 -15.53 -17.57
CA ALA D 1 13.17 -16.56 -16.54
C ALA D 1 12.35 -15.90 -15.44
N ASP D 2 11.44 -16.66 -14.83
CA ASP D 2 10.58 -16.14 -13.76
C ASP D 2 11.36 -16.32 -12.50
N CYS D 3 12.02 -15.28 -12.04
CA CYS D 3 12.84 -15.47 -10.88
C CYS D 3 12.20 -15.54 -9.54
N ALA D 4 11.39 -14.54 -9.22
CA ALA D 4 10.77 -14.52 -7.91
C ALA D 4 9.52 -13.71 -7.98
N LYS D 5 8.59 -14.04 -7.10
CA LYS D 5 7.38 -13.29 -7.05
C LYS D 5 7.04 -13.33 -5.57
N GLY D 6 7.16 -12.20 -4.93
CA GLY D 6 6.87 -12.18 -3.50
C GLY D 6 7.14 -10.79 -2.98
N LYS D 7 7.13 -10.67 -1.66
CA LYS D 7 7.33 -9.37 -1.03
C LYS D 7 8.82 -9.18 -0.85
N ILE D 8 9.21 -7.95 -0.70
CA ILE D 8 10.61 -7.61 -0.50
C ILE D 8 10.91 -7.77 0.95
N GLU D 9 11.80 -8.73 1.24
CA GLU D 9 12.21 -9.04 2.61
C GLU D 9 13.16 -7.98 3.13
N PHE D 10 14.06 -7.52 2.26
CA PHE D 10 14.91 -6.40 2.60
C PHE D 10 15.36 -5.77 1.32
N SER D 11 15.80 -4.51 1.42
CA SER D 11 16.36 -3.89 0.25
C SER D 11 17.72 -3.34 0.73
N LYS D 12 18.61 -3.12 -0.20
CA LYS D 12 19.92 -2.62 0.19
C LYS D 12 20.45 -1.73 -0.91
N TYR D 13 21.02 -0.60 -0.51
CA TYR D 13 21.64 0.30 -1.47
C TYR D 13 23.08 -0.17 -1.41
N ASN D 14 23.66 -0.49 -2.57
CA ASN D 14 25.00 -1.03 -2.60
C ASN D 14 26.05 0.01 -2.86
N GLU D 15 27.30 -0.32 -2.51
CA GLU D 15 28.42 0.63 -2.73
C GLU D 15 28.59 1.04 -4.20
N ASP D 16 28.24 0.15 -5.12
CA ASP D 16 28.37 0.46 -6.55
C ASP D 16 27.11 1.20 -7.08
N ASP D 17 26.24 1.62 -6.15
CA ASP D 17 25.01 2.35 -6.42
C ASP D 17 23.86 1.52 -7.00
N THR D 18 24.08 0.22 -7.11
CA THR D 18 22.98 -0.63 -7.55
C THR D 18 22.13 -0.85 -6.29
N PHE D 19 21.02 -1.54 -6.46
CA PHE D 19 20.09 -1.63 -5.36
C PHE D 19 19.64 -3.08 -5.35
N THR D 20 19.63 -3.70 -4.18
CA THR D 20 19.29 -5.10 -4.11
C THR D 20 18.02 -5.28 -3.34
N VAL D 21 17.23 -6.26 -3.77
CA VAL D 21 16.07 -6.63 -2.98
C VAL D 21 16.17 -8.12 -2.79
N LYS D 22 15.68 -8.57 -1.64
CA LYS D 22 15.61 -10.01 -1.38
C LYS D 22 14.13 -10.38 -1.53
N VAL D 23 13.86 -11.33 -2.41
CA VAL D 23 12.51 -11.74 -2.68
C VAL D 23 12.52 -13.27 -2.81
N ASP D 24 11.61 -13.91 -2.12
CA ASP D 24 11.53 -15.38 -2.15
C ASP D 24 12.83 -16.01 -1.79
N GLY D 25 13.52 -15.43 -0.80
CA GLY D 25 14.76 -15.98 -0.33
C GLY D 25 16.00 -15.78 -1.18
N LYS D 26 15.87 -15.02 -2.26
CA LYS D 26 17.02 -14.79 -3.12
C LYS D 26 17.23 -13.30 -3.29
N GLU D 27 18.49 -12.90 -3.49
CA GLU D 27 18.82 -11.51 -3.65
C GLU D 27 19.05 -11.17 -5.11
N TYR D 28 18.49 -10.04 -5.53
CA TYR D 28 18.61 -9.60 -6.92
C TYR D 28 18.98 -8.15 -6.88
N TRP D 29 19.87 -7.75 -7.76
CA TRP D 29 20.28 -6.36 -7.77
C TRP D 29 19.89 -5.73 -9.07
N THR D 30 19.70 -4.43 -9.04
CA THR D 30 19.41 -3.72 -10.27
C THR D 30 20.20 -2.43 -10.28
N SER D 31 20.75 -2.10 -11.44
CA SER D 31 21.44 -0.84 -11.56
C SER D 31 20.48 0.20 -12.14
N ARG D 32 19.23 -0.18 -12.38
CA ARG D 32 18.27 0.76 -12.97
C ARG D 32 17.90 1.79 -11.93
N TRP D 33 18.40 3.00 -12.13
CA TRP D 33 18.17 4.01 -11.13
C TRP D 33 16.72 4.32 -10.83
N ASN D 34 15.88 4.22 -11.84
CA ASN D 34 14.47 4.55 -11.68
C ASN D 34 13.83 3.64 -10.66
N LEU D 35 14.35 2.42 -10.56
CA LEU D 35 13.73 1.44 -9.67
C LEU D 35 13.92 1.62 -8.19
N GLN D 36 14.90 2.43 -7.75
CA GLN D 36 15.13 2.51 -6.32
C GLN D 36 13.97 2.96 -5.46
N PRO D 37 13.37 4.13 -5.75
CA PRO D 37 12.24 4.51 -4.90
C PRO D 37 11.08 3.55 -5.12
N LEU D 38 10.95 3.01 -6.33
CA LEU D 38 9.81 2.15 -6.60
C LEU D 38 9.93 0.88 -5.80
N LEU D 39 11.13 0.36 -5.72
CA LEU D 39 11.30 -0.88 -4.98
C LEU D 39 11.14 -0.62 -3.51
N GLN D 40 11.62 0.52 -3.04
CA GLN D 40 11.43 0.76 -1.62
C GLN D 40 9.94 0.95 -1.32
N SER D 41 9.22 1.64 -2.19
CA SER D 41 7.77 1.85 -1.95
C SER D 41 7.09 0.47 -1.94
N ALA D 42 7.56 -0.44 -2.80
CA ALA D 42 6.98 -1.79 -2.80
C ALA D 42 7.27 -2.48 -1.50
N GLN D 43 8.51 -2.35 -1.02
CA GLN D 43 8.84 -2.95 0.25
C GLN D 43 7.99 -2.36 1.37
N LEU D 44 7.84 -1.03 1.38
CA LEU D 44 7.10 -0.34 2.44
C LEU D 44 5.63 -0.76 2.48
N THR D 45 5.05 -1.06 1.33
CA THR D 45 3.63 -1.37 1.29
C THR D 45 3.35 -2.85 1.11
N GLY D 46 4.42 -3.64 1.17
CA GLY D 46 4.25 -5.07 1.06
C GLY D 46 3.74 -5.48 -0.31
N MET D 47 4.10 -4.78 -1.37
CA MET D 47 3.63 -5.18 -2.68
C MET D 47 4.31 -6.46 -3.10
N THR D 48 3.60 -7.27 -3.84
CA THR D 48 4.22 -8.45 -4.38
C THR D 48 4.94 -7.98 -5.64
N VAL D 49 6.22 -8.26 -5.73
CA VAL D 49 6.94 -7.88 -6.95
C VAL D 49 7.32 -9.15 -7.68
N THR D 50 7.33 -9.05 -8.98
CA THR D 50 7.69 -10.18 -9.81
C THR D 50 8.94 -9.76 -10.54
N ILE D 51 10.03 -10.45 -10.26
CA ILE D 51 11.29 -10.14 -10.85
C ILE D 51 11.58 -11.19 -11.91
N LYS D 52 11.94 -10.74 -13.10
CA LYS D 52 12.29 -11.68 -14.14
C LYS D 52 13.67 -11.25 -14.62
N SER D 53 14.45 -12.23 -15.04
CA SER D 53 15.80 -11.94 -15.49
C SER D 53 16.29 -13.20 -16.19
N SER D 54 17.34 -13.02 -16.98
CA SER D 54 18.00 -14.09 -17.72
C SER D 54 18.44 -15.19 -16.78
N THR D 55 18.87 -14.81 -15.58
CA THR D 55 19.33 -15.82 -14.61
C THR D 55 18.63 -15.56 -13.29
N CYS D 56 18.32 -16.61 -12.55
CA CYS D 56 17.59 -16.39 -11.32
C CYS D 56 18.32 -16.76 -10.05
N GLU D 57 19.58 -17.17 -10.19
CA GLU D 57 20.35 -17.49 -9.03
C GLU D 57 20.44 -16.25 -8.16
N SER D 58 20.49 -16.45 -6.85
CA SER D 58 20.64 -15.32 -5.96
C SER D 58 21.91 -14.61 -6.37
N GLY D 59 21.90 -13.29 -6.36
CA GLY D 59 23.05 -12.53 -6.81
C GLY D 59 22.93 -12.11 -8.28
N SER D 60 21.86 -12.53 -8.97
CA SER D 60 21.66 -12.13 -10.36
C SER D 60 21.14 -10.69 -10.42
N GLY D 61 21.37 -10.06 -11.56
CA GLY D 61 20.90 -8.72 -11.78
C GLY D 61 19.56 -8.78 -12.48
N PHE D 62 18.80 -7.68 -12.43
CA PHE D 62 17.54 -7.64 -13.15
C PHE D 62 17.25 -6.20 -13.52
N ALA D 63 16.31 -6.08 -14.43
CA ALA D 63 15.83 -4.78 -14.81
C ALA D 63 14.30 -4.89 -14.83
N GLU D 64 13.79 -6.08 -15.12
CA GLU D 64 12.34 -6.20 -15.23
C GLU D 64 11.70 -6.52 -13.89
N VAL D 65 10.71 -5.72 -13.49
CA VAL D 65 10.02 -6.02 -12.26
C VAL D 65 8.60 -5.49 -12.36
N GLN D 66 7.67 -6.33 -11.92
CA GLN D 66 6.27 -5.94 -11.93
C GLN D 66 5.83 -5.71 -10.50
N PHE D 67 5.04 -4.68 -10.32
CA PHE D 67 4.54 -4.29 -9.00
C PHE D 67 3.07 -4.62 -8.99
N ASN D 68 2.75 -5.61 -8.19
CA ASN D 68 1.37 -6.10 -8.07
C ASN D 68 0.70 -5.63 -6.81
N ASN D 69 -0.62 -5.61 -6.82
CA ASN D 69 -1.36 -5.17 -5.65
C ASN D 69 -1.77 -6.38 -4.85
N ASP D 70 -1.62 -7.56 -5.42
CA ASP D 70 -2.06 -8.76 -4.74
C ASP D 70 -0.94 -9.62 -4.19
N ALA E 1 -7.86 12.16 -25.98
CA ALA E 1 -9.03 11.26 -25.75
C ALA E 1 -8.72 10.45 -24.50
N ASP E 2 -9.76 10.04 -23.79
CA ASP E 2 -9.57 9.24 -22.60
C ASP E 2 -9.52 7.76 -22.95
N CYS E 3 -8.33 7.18 -22.83
CA CYS E 3 -8.07 5.77 -23.13
C CYS E 3 -8.56 4.76 -22.13
N ALA E 4 -8.33 5.05 -20.85
CA ALA E 4 -8.67 4.14 -19.78
C ALA E 4 -8.80 4.96 -18.52
N LYS E 5 -9.69 4.54 -17.64
CA LYS E 5 -9.87 5.25 -16.39
C LYS E 5 -10.10 4.24 -15.33
N GLY E 6 -9.32 4.33 -14.27
CA GLY E 6 -9.49 3.35 -13.21
C GLY E 6 -8.26 3.34 -12.33
N LYS E 7 -8.25 2.47 -11.33
CA LYS E 7 -7.08 2.41 -10.49
C LYS E 7 -6.09 1.60 -11.26
N ILE E 8 -4.83 1.67 -10.85
CA ILE E 8 -3.81 0.91 -11.52
C ILE E 8 -3.77 -0.50 -10.97
N GLU E 9 -3.99 -1.47 -11.85
CA GLU E 9 -4.00 -2.88 -11.49
C GLU E 9 -2.60 -3.40 -11.23
N PHE E 10 -1.63 -3.03 -12.06
CA PHE E 10 -0.23 -3.38 -11.79
C PHE E 10 0.59 -2.41 -12.60
N SER E 11 1.86 -2.31 -12.26
CA SER E 11 2.77 -1.47 -13.04
C SER E 11 3.98 -2.36 -13.20
N LYS E 12 4.78 -2.09 -14.22
CA LYS E 12 5.89 -2.94 -14.49
C LYS E 12 6.91 -2.20 -15.29
N TYR E 13 8.15 -2.32 -14.86
CA TYR E 13 9.22 -1.72 -15.59
C TYR E 13 9.85 -2.85 -16.41
N ASN E 14 10.05 -2.61 -17.70
CA ASN E 14 10.60 -3.63 -18.57
C ASN E 14 12.08 -3.35 -18.90
N GLU E 15 12.78 -4.39 -19.33
CA GLU E 15 14.22 -4.24 -19.63
C GLU E 15 14.43 -3.23 -20.70
N ASP E 16 13.45 -3.08 -21.57
CA ASP E 16 13.57 -2.12 -22.65
C ASP E 16 13.24 -0.67 -22.22
N ASP E 17 13.26 -0.40 -20.93
CA ASP E 17 13.00 0.94 -20.44
C ASP E 17 11.63 1.51 -20.78
N THR E 18 10.59 0.71 -20.62
CA THR E 18 9.22 1.16 -20.76
C THR E 18 8.59 0.77 -19.43
N PHE E 19 7.58 1.54 -19.05
CA PHE E 19 6.91 1.31 -17.77
C PHE E 19 5.45 1.13 -18.15
N THR E 20 4.96 -0.05 -17.89
CA THR E 20 3.60 -0.41 -18.22
C THR E 20 2.70 -0.28 -17.04
N VAL E 21 1.48 0.16 -17.29
CA VAL E 21 0.51 0.13 -16.22
C VAL E 21 -0.72 -0.51 -16.85
N LYS E 22 -1.48 -1.19 -16.03
CA LYS E 22 -2.74 -1.78 -16.49
C LYS E 22 -3.83 -1.00 -15.81
N VAL E 23 -4.74 -0.45 -16.61
CA VAL E 23 -5.84 0.34 -16.10
C VAL E 23 -7.11 -0.12 -16.85
N ASP E 24 -8.15 -0.42 -16.10
CA ASP E 24 -9.43 -0.84 -16.69
C ASP E 24 -9.21 -1.99 -17.70
N GLY E 25 -8.44 -2.97 -17.28
CA GLY E 25 -8.16 -4.11 -18.11
C GLY E 25 -7.29 -3.92 -19.33
N LYS E 26 -6.68 -2.75 -19.51
CA LYS E 26 -5.83 -2.54 -20.68
C LYS E 26 -4.46 -2.07 -20.23
N GLU E 27 -3.44 -2.50 -20.96
CA GLU E 27 -2.06 -2.11 -20.68
C GLU E 27 -1.62 -0.99 -21.57
N TYR E 28 -0.90 -0.02 -20.96
CA TYR E 28 -0.38 1.14 -21.67
C TYR E 28 1.02 1.27 -21.11
N TRP E 29 1.89 1.94 -21.83
CA TRP E 29 3.24 2.07 -21.31
C TRP E 29 3.75 3.48 -21.57
N THR E 30 4.72 3.87 -20.76
CA THR E 30 5.29 5.17 -20.97
C THR E 30 6.75 5.04 -20.66
N SER E 31 7.55 5.83 -21.35
CA SER E 31 8.97 5.78 -21.06
C SER E 31 9.38 7.07 -20.39
N ARG E 32 8.39 7.87 -19.98
CA ARG E 32 8.69 9.10 -19.28
C ARG E 32 9.04 8.69 -17.84
N TRP E 33 10.29 8.87 -17.42
CA TRP E 33 10.59 8.48 -16.06
C TRP E 33 9.83 9.33 -15.10
N ASN E 34 9.50 10.57 -15.48
CA ASN E 34 8.73 11.39 -14.57
C ASN E 34 7.47 10.69 -14.16
N LEU E 35 6.91 9.89 -15.06
CA LEU E 35 5.66 9.24 -14.71
C LEU E 35 5.81 8.03 -13.82
N GLN E 36 7.03 7.51 -13.68
CA GLN E 36 7.12 6.30 -12.83
C GLN E 36 6.71 6.49 -11.40
N PRO E 37 7.32 7.44 -10.70
CA PRO E 37 6.90 7.61 -9.30
C PRO E 37 5.46 8.08 -9.22
N LEU E 38 5.05 8.91 -10.16
CA LEU E 38 3.66 9.42 -10.13
C LEU E 38 2.69 8.28 -10.31
N LEU E 39 2.96 7.42 -11.26
CA LEU E 39 2.08 6.29 -11.48
C LEU E 39 2.16 5.29 -10.35
N GLN E 40 3.37 4.99 -9.88
CA GLN E 40 3.42 4.03 -8.80
C GLN E 40 2.73 4.58 -7.54
N SER E 41 2.96 5.85 -7.23
CA SER E 41 2.28 6.45 -6.09
C SER E 41 0.78 6.33 -6.31
N ALA E 42 0.31 6.62 -7.52
CA ALA E 42 -1.13 6.50 -7.81
C ALA E 42 -1.57 5.06 -7.56
N GLN E 43 -0.74 4.10 -7.99
CA GLN E 43 -1.10 2.72 -7.81
C GLN E 43 -1.21 2.36 -6.33
N LEU E 44 -0.20 2.73 -5.54
CA LEU E 44 -0.22 2.29 -4.16
C LEU E 44 -1.20 3.03 -3.27
N THR E 45 -1.65 4.18 -3.72
CA THR E 45 -2.62 5.00 -2.97
C THR E 45 -4.03 4.86 -3.54
N GLY E 46 -4.16 4.06 -4.60
CA GLY E 46 -5.48 3.82 -5.17
C GLY E 46 -6.12 4.99 -5.88
N MET E 47 -5.30 5.87 -6.45
CA MET E 47 -5.84 7.00 -7.18
C MET E 47 -6.50 6.49 -8.44
N THR E 48 -7.47 7.25 -8.93
CA THR E 48 -8.05 6.91 -10.20
C THR E 48 -7.22 7.65 -11.25
N VAL E 49 -6.70 6.92 -12.21
CA VAL E 49 -5.90 7.59 -13.22
C VAL E 49 -6.65 7.52 -14.55
N THR E 50 -6.52 8.57 -15.35
CA THR E 50 -7.14 8.58 -16.64
C THR E 50 -6.00 8.70 -17.63
N ILE E 51 -5.75 7.61 -18.35
CA ILE E 51 -4.70 7.60 -19.35
C ILE E 51 -5.31 8.35 -20.53
N LYS E 52 -4.53 9.23 -21.14
CA LYS E 52 -5.03 10.02 -22.27
C LYS E 52 -4.02 10.00 -23.39
N SER E 53 -4.52 9.96 -24.62
CA SER E 53 -3.67 9.95 -25.81
C SER E 53 -4.47 10.48 -26.99
N SER E 54 -3.78 10.92 -28.02
CA SER E 54 -4.47 11.46 -29.20
C SER E 54 -5.32 10.36 -29.78
N THR E 55 -4.84 9.13 -29.62
CA THR E 55 -5.55 7.95 -30.09
C THR E 55 -5.44 6.89 -29.02
N CYS E 56 -6.57 6.33 -28.64
CA CYS E 56 -6.58 5.29 -27.62
C CYS E 56 -6.66 3.88 -28.15
N GLU E 57 -5.78 3.03 -27.64
CA GLU E 57 -5.77 1.64 -28.02
C GLU E 57 -4.90 0.90 -27.05
N SER E 58 -5.10 -0.41 -26.97
CA SER E 58 -4.28 -1.20 -26.08
C SER E 58 -2.83 -1.13 -26.50
N GLY E 59 -1.96 -1.28 -25.50
CA GLY E 59 -0.53 -1.29 -25.75
C GLY E 59 0.16 -0.06 -26.34
N SER E 60 -0.50 1.09 -26.39
CA SER E 60 0.16 2.28 -26.94
C SER E 60 0.91 3.04 -25.81
N GLY E 61 1.89 3.83 -26.23
CA GLY E 61 2.66 4.62 -25.28
C GLY E 61 1.76 5.77 -24.90
N PHE E 62 2.01 6.37 -23.75
CA PHE E 62 1.20 7.51 -23.37
C PHE E 62 2.10 8.45 -22.60
N ALA E 63 1.72 9.71 -22.54
CA ALA E 63 2.49 10.66 -21.79
C ALA E 63 1.54 11.68 -21.19
N GLU E 64 0.24 11.35 -21.13
CA GLU E 64 -0.71 12.28 -20.52
C GLU E 64 -1.54 11.41 -19.63
N VAL E 65 -1.68 11.79 -18.36
CA VAL E 65 -2.50 10.98 -17.46
C VAL E 65 -2.97 11.88 -16.34
N GLN E 66 -4.24 11.75 -16.03
CA GLN E 66 -4.80 12.55 -14.98
C GLN E 66 -4.87 11.66 -13.77
N PHE E 67 -4.70 12.29 -12.62
CA PHE E 67 -4.71 11.61 -11.35
C PHE E 67 -5.81 12.22 -10.50
N ASN E 68 -6.68 11.37 -9.93
CA ASN E 68 -7.73 11.81 -9.01
C ASN E 68 -7.69 10.95 -7.78
N ASN E 69 -7.94 11.54 -6.61
CA ASN E 69 -7.99 10.73 -5.40
C ASN E 69 -9.13 9.74 -5.52
N ASP E 70 -10.23 10.16 -6.12
CA ASP E 70 -11.29 9.16 -6.33
C ASP E 70 -11.94 9.54 -7.62
N ALA F 1 0.81 37.20 -7.49
CA ALA F 1 -0.49 37.24 -6.77
C ALA F 1 -1.04 35.84 -6.51
N ASP F 2 -1.92 35.71 -5.52
CA ASP F 2 -2.50 34.41 -5.20
C ASP F 2 -3.56 34.15 -6.24
N CYS F 3 -3.33 33.16 -7.08
CA CYS F 3 -4.25 32.86 -8.13
C CYS F 3 -5.40 32.03 -7.65
N ALA F 4 -5.06 31.05 -6.83
CA ALA F 4 -6.03 30.10 -6.37
C ALA F 4 -5.50 29.47 -5.13
N LYS F 5 -6.42 29.15 -4.23
CA LYS F 5 -6.04 28.53 -2.98
C LYS F 5 -7.06 27.48 -2.72
N GLY F 6 -6.61 26.27 -2.42
CA GLY F 6 -7.56 25.20 -2.15
C GLY F 6 -6.89 23.86 -2.34
N LYS F 7 -7.67 22.79 -2.31
CA LYS F 7 -7.10 21.47 -2.46
C LYS F 7 -7.01 21.17 -3.94
N ILE F 8 -6.08 20.30 -4.29
CA ILE F 8 -5.91 19.94 -5.67
C ILE F 8 -7.04 19.00 -6.02
N GLU F 9 -7.86 19.39 -6.98
CA GLU F 9 -9.01 18.65 -7.42
C GLU F 9 -8.61 17.49 -8.29
N PHE F 10 -7.60 17.72 -9.15
CA PHE F 10 -7.03 16.63 -9.95
C PHE F 10 -5.69 17.14 -10.38
N SER F 11 -4.79 16.26 -10.78
CA SER F 11 -3.52 16.74 -11.28
C SER F 11 -3.39 15.98 -12.59
N LYS F 12 -2.51 16.43 -13.45
CA LYS F 12 -2.41 15.76 -14.71
C LYS F 12 -1.04 16.00 -15.30
N TYR F 13 -0.41 14.91 -15.67
CA TYR F 13 0.90 14.97 -16.32
C TYR F 13 0.56 15.17 -17.81
N ASN F 14 1.23 16.13 -18.45
CA ASN F 14 0.95 16.45 -19.87
C ASN F 14 2.02 15.96 -20.84
N GLU F 15 1.63 15.79 -22.10
CA GLU F 15 2.57 15.27 -23.08
C GLU F 15 3.82 16.06 -23.28
N ASP F 16 3.75 17.34 -22.97
CA ASP F 16 4.92 18.20 -23.08
C ASP F 16 5.69 18.20 -21.76
N ASP F 17 5.38 17.25 -20.88
CA ASP F 17 6.05 17.11 -19.59
C ASP F 17 5.77 18.25 -18.61
N THR F 18 4.69 18.99 -18.88
CA THR F 18 4.29 19.99 -17.90
C THR F 18 3.26 19.24 -17.04
N PHE F 19 2.78 19.93 -16.03
CA PHE F 19 1.94 19.27 -15.06
C PHE F 19 0.87 20.25 -14.65
N THR F 20 -0.36 19.78 -14.72
CA THR F 20 -1.50 20.59 -14.43
C THR F 20 -2.16 20.23 -13.13
N VAL F 21 -2.63 21.25 -12.41
CA VAL F 21 -3.42 20.96 -11.24
C VAL F 21 -4.65 21.85 -11.33
N LYS F 22 -5.76 21.37 -10.80
CA LYS F 22 -6.99 22.17 -10.77
C LYS F 22 -7.19 22.52 -9.30
N VAL F 23 -7.20 23.81 -9.03
CA VAL F 23 -7.34 24.30 -7.69
C VAL F 23 -8.45 25.34 -7.70
N ASP F 24 -9.36 25.19 -6.76
CA ASP F 24 -10.50 26.11 -6.66
C ASP F 24 -11.15 26.35 -8.02
N GLY F 25 -11.40 25.27 -8.74
CA GLY F 25 -12.09 25.36 -10.02
C GLY F 25 -11.28 25.86 -11.19
N LYS F 26 -10.01 26.14 -11.01
CA LYS F 26 -9.22 26.66 -12.13
C LYS F 26 -8.02 25.76 -12.38
N GLU F 27 -7.65 25.62 -13.64
CA GLU F 27 -6.51 24.81 -13.98
C GLU F 27 -5.26 25.66 -14.19
N TYR F 28 -4.13 25.14 -13.72
CA TYR F 28 -2.86 25.86 -13.81
C TYR F 28 -1.85 24.79 -14.14
N TRP F 29 -0.80 25.17 -14.85
CA TRP F 29 0.18 24.17 -15.22
C TRP F 29 1.53 24.73 -14.91
N THR F 30 2.49 23.84 -14.64
CA THR F 30 3.83 24.27 -14.36
C THR F 30 4.77 23.42 -15.20
N SER F 31 5.88 24.01 -15.62
CA SER F 31 6.83 23.27 -16.40
C SER F 31 7.96 22.80 -15.44
N ARG F 32 7.84 23.10 -14.16
CA ARG F 32 8.90 22.73 -13.20
C ARG F 32 8.70 21.28 -12.83
N TRP F 33 9.59 20.42 -13.29
CA TRP F 33 9.44 19.02 -13.02
C TRP F 33 9.41 18.69 -11.53
N ASN F 34 10.19 19.43 -10.75
CA ASN F 34 10.25 19.16 -9.34
C ASN F 34 8.91 19.25 -8.69
N LEU F 35 8.03 20.06 -9.24
CA LEU F 35 6.75 20.19 -8.62
C LEU F 35 5.84 19.00 -8.84
N GLN F 36 6.13 18.13 -9.80
CA GLN F 36 5.18 17.06 -10.06
C GLN F 36 4.89 16.17 -8.87
N PRO F 37 5.94 15.58 -8.25
CA PRO F 37 5.62 14.71 -7.11
C PRO F 37 5.23 15.50 -5.86
N LEU F 38 5.67 16.74 -5.76
CA LEU F 38 5.33 17.53 -4.59
C LEU F 38 3.85 17.84 -4.69
N LEU F 39 3.38 18.13 -5.91
CA LEU F 39 1.96 18.43 -6.04
C LEU F 39 1.19 17.14 -5.86
N GLN F 40 1.75 16.03 -6.31
CA GLN F 40 0.99 14.80 -6.11
C GLN F 40 0.87 14.47 -4.61
N SER F 41 1.97 14.65 -3.87
CA SER F 41 1.94 14.41 -2.44
C SER F 41 0.89 15.33 -1.80
N ALA F 42 0.89 16.58 -2.22
CA ALA F 42 -0.08 17.55 -1.66
C ALA F 42 -1.53 17.12 -1.98
N GLN F 43 -1.74 16.69 -3.21
CA GLN F 43 -3.07 16.26 -3.62
C GLN F 43 -3.50 15.02 -2.82
N LEU F 44 -2.59 14.06 -2.67
CA LEU F 44 -2.90 12.83 -1.96
C LEU F 44 -3.27 13.10 -0.53
N THR F 45 -2.58 14.07 0.07
CA THR F 45 -2.76 14.36 1.48
C THR F 45 -3.70 15.48 1.81
N GLY F 46 -4.33 16.04 0.78
CA GLY F 46 -5.29 17.11 1.00
C GLY F 46 -4.70 18.42 1.47
N MET F 47 -3.47 18.69 1.06
CA MET F 47 -2.86 19.96 1.45
C MET F 47 -3.59 21.06 0.74
N THR F 48 -3.60 22.23 1.36
CA THR F 48 -4.19 23.39 0.74
C THR F 48 -3.03 24.05 0.00
N VAL F 49 -3.17 24.18 -1.30
CA VAL F 49 -2.12 24.82 -2.03
C VAL F 49 -2.57 26.21 -2.48
N THR F 50 -1.61 27.10 -2.58
CA THR F 50 -1.90 28.43 -3.06
C THR F 50 -1.03 28.61 -4.28
N ILE F 51 -1.66 28.68 -5.45
CA ILE F 51 -0.99 28.87 -6.73
C ILE F 51 -0.69 30.37 -6.78
N LYS F 52 0.55 30.73 -7.05
CA LYS F 52 0.90 32.14 -7.10
C LYS F 52 1.50 32.43 -8.47
N SER F 53 1.20 33.59 -9.02
CA SER F 53 1.68 33.96 -10.35
C SER F 53 1.36 35.41 -10.67
N SER F 54 1.98 35.96 -11.72
CA SER F 54 1.69 37.32 -12.14
C SER F 54 0.54 37.30 -13.15
N THR F 55 0.07 36.09 -13.45
CA THR F 55 -1.00 35.83 -14.40
C THR F 55 -1.88 34.78 -13.77
N CYS F 56 -3.10 35.14 -13.41
CA CYS F 56 -3.94 34.17 -12.74
C CYS F 56 -5.10 33.53 -13.52
N GLU F 57 -5.13 33.80 -14.82
CA GLU F 57 -6.15 33.25 -15.71
C GLU F 57 -6.11 31.72 -15.68
N SER F 58 -7.27 31.07 -15.51
CA SER F 58 -7.31 29.60 -15.50
C SER F 58 -6.62 29.16 -16.80
N GLY F 59 -5.89 28.03 -16.76
CA GLY F 59 -5.18 27.55 -17.93
C GLY F 59 -3.81 28.21 -18.09
N SER F 60 -3.43 29.06 -17.13
CA SER F 60 -2.15 29.77 -17.15
C SER F 60 -1.04 28.98 -16.43
N GLY F 61 0.21 29.41 -16.62
CA GLY F 61 1.32 28.69 -16.01
C GLY F 61 1.66 29.19 -14.62
N PHE F 62 2.48 28.45 -13.88
CA PHE F 62 2.90 28.92 -12.56
C PHE F 62 4.16 28.16 -12.18
N ALA F 63 4.91 28.73 -11.25
CA ALA F 63 6.12 28.10 -10.75
C ALA F 63 6.28 28.49 -9.30
N GLU F 64 5.26 29.08 -8.71
CA GLU F 64 5.35 29.42 -7.30
C GLU F 64 4.09 28.83 -6.66
N VAL F 65 4.28 28.02 -5.62
CA VAL F 65 3.11 27.43 -4.99
C VAL F 65 3.42 27.13 -3.56
N GLN F 66 2.49 27.53 -2.70
CA GLN F 66 2.67 27.31 -1.29
C GLN F 66 1.86 26.09 -0.91
N PHE F 67 2.37 25.36 0.07
CA PHE F 67 1.73 24.14 0.54
C PHE F 67 1.43 24.34 2.00
N ASN F 68 0.16 24.14 2.37
CA ASN F 68 -0.22 24.26 3.75
C ASN F 68 -0.97 23.03 4.16
N ASN F 69 -0.80 22.66 5.42
CA ASN F 69 -1.61 21.58 5.98
C ASN F 69 -2.82 22.31 6.58
N ASP F 70 -3.79 21.55 7.08
CA ASP F 70 -4.96 22.14 7.72
C ASP F 70 -4.50 22.98 8.93
NA NA G . 3.13 1.08 9.55
NA NA H . -17.19 -10.63 21.68
NA NA I . -26.85 -14.74 14.85
N9 ADE J . -7.14 -15.53 1.87
C8 ADE J . -6.40 -16.28 1.02
N7 ADE J . -6.56 -17.60 1.12
C5 ADE J . -7.50 -17.69 2.17
C6 ADE J . -8.11 -18.78 2.82
N6 ADE J . -7.82 -20.05 2.44
N1 ADE J . -9.01 -18.52 3.85
C2 ADE J . -9.29 -17.21 4.23
N3 ADE J . -8.76 -16.10 3.67
C4 ADE J . -7.86 -16.41 2.64
C FMT K . -24.78 -5.61 5.63
O1 FMT K . -25.06 -6.82 5.56
O2 FMT K . -25.47 -4.64 5.22
C FMT L . 3.71 -1.14 12.04
O1 FMT L . 3.89 -0.75 10.85
O2 FMT L . 3.21 -0.54 12.99
NA NA M . 21.43 31.39 6.38
N1 1PS N . 15.02 33.33 -2.08
C1 1PS N . 15.84 32.63 -2.93
C2 1PS N . 17.10 33.13 -3.29
C3 1PS N . 15.39 34.54 -1.56
C4 1PS N . 16.64 35.07 -1.89
C5 1PS N . 17.49 34.36 -2.76
C6 1PS N . 13.69 32.78 -1.73
C7 1PS N . 12.57 33.44 -2.53
C8 1PS N . 12.72 33.19 -4.01
S1 1PS N . 11.48 34.01 -4.98
O1 1PS N . 11.59 33.42 -6.36
O2 1PS N . 11.82 35.43 -4.95
O3 1PS N . 10.23 33.72 -4.28
N1 1PS O . 30.63 14.42 6.33
C1 1PS O . 30.70 14.44 4.95
C2 1PS O . 31.89 14.13 4.33
C3 1PS O . 31.71 14.11 7.11
C4 1PS O . 32.90 13.79 6.50
C5 1PS O . 33.00 13.80 5.12
C6 1PS O . 29.36 14.76 6.99
C7 1PS O . 29.32 16.19 7.45
C8 1PS O . 29.15 17.07 6.28
S1 1PS O . 29.11 18.76 6.79
O1 1PS O . 28.80 19.53 5.58
O2 1PS O . 30.42 19.07 7.36
O3 1PS O . 28.08 18.80 7.77
C FMT P . 25.74 9.18 -6.31
O1 FMT P . 24.92 9.47 -5.42
O2 FMT P . 26.91 9.54 -6.38
N1 1PS Q . 25.86 -6.30 -8.02
C1 1PS Q . 25.86 -5.22 -8.85
C2 1PS Q . 26.44 -5.30 -10.12
C3 1PS Q . 26.44 -7.50 -8.40
C4 1PS Q . 27.03 -7.61 -9.67
C5 1PS Q . 27.02 -6.51 -10.52
C6 1PS Q . 25.23 -6.20 -6.65
C7 1PS Q . 26.29 -5.95 -5.58
C8 1PS Q . 26.98 -4.64 -5.76
S1 1PS Q . 28.18 -4.32 -4.49
O1 1PS Q . 28.59 -2.97 -4.70
O2 1PS Q . 29.22 -5.26 -4.72
O3 1PS Q . 27.52 -4.58 -3.25
C FMT R . 22.68 -8.80 -4.80
O1 FMT R . 23.06 -7.72 -4.29
O2 FMT R . 23.36 -9.83 -4.97
C FMT S . 10.36 12.68 -18.83
O1 FMT S . 11.19 12.64 -19.75
O2 FMT S . 10.14 11.83 -17.95
NA NA T . 0.43 32.39 -14.57
N1 1PS U . 0.22 23.92 -20.98
C1 1PS U . 1.59 23.82 -21.12
C2 1PS U . 2.28 24.80 -21.81
C3 1PS U . -0.49 24.97 -21.52
C4 1PS U . 0.19 25.96 -22.21
C5 1PS U . 1.58 25.87 -22.35
C6 1PS U . -0.52 22.85 -20.26
C7 1PS U . -1.11 21.84 -21.22
C8 1PS U . -0.03 21.11 -21.97
S1 1PS U . -0.66 19.94 -23.14
O1 1PS U . -1.70 19.20 -22.42
O2 1PS U . 0.50 19.12 -23.55
O3 1PS U . -1.20 20.71 -24.26
C1 EDO V . 12.79 22.04 -11.81
O1 EDO V . 11.52 21.85 -11.06
C2 EDO V . 12.96 21.03 -12.91
O2 EDO V . 12.01 21.42 -14.06
#